data_2QPU
#
_entry.id   2QPU
#
_cell.length_a   218.930
_cell.length_b   89.650
_cell.length_c   62.080
_cell.angle_alpha   90.00
_cell.angle_beta   90.00
_cell.angle_gamma   90.00
#
_symmetry.space_group_name_H-M   'P 21 21 2'
#
loop_
_entity.id
_entity.type
_entity.pdbx_description
1 polymer 'Alpha-amylase type A isozyme'
2 branched 4,6-dideoxy-4-{[(1S,4R,5S,6S)-4,5,6-trihydroxy-3-(hydroxymethyl)cyclohex-2-en-1-yl]amino}-alpha-D-glucopyranose-(1-4)-alpha-D-glucopyranose-(1-4)-beta-D-glucopyranose
3 non-polymer 'CALCIUM ION'
4 non-polymer 1,2-ETHANEDIOL
5 non-polymer 1,5-anhydro-4-O-(4,6-dideoxy-4-{[(1S,2S,3S,4R,5S,6R)-2,3,4,6-tetrahydroxy-5-methylcyclohexyl]amino}-alpha-D-glucopyranosyl)-D-glucitol
6 non-polymer beta-D-glucopyranose
7 water water
#
_entity_poly.entity_id   1
_entity_poly.type   'polypeptide(L)'
_entity_poly.pdbx_seq_one_letter_code
;HQVLFQGFNWESWKQSGGWYNMMMGKVDDIAAAGVTHVWLPPPSHSVSNEGYMPGRLYDIDASKYGNAAELKSLIGALHG
KGVQAIADIVINHRCADYKDSRGIYCIFEGGTSDGRLDWGPHMICRDDTKYSDGTANLDTGADFAAAPDIDHLNDRVQRE
LKEWLLWLKSDLGFDAWRLDFARGYSPEMAKVYIDGTSPSLAVAEVWDNMATGGDGKPNYDQDAHRQNLVNWVDKVGGAA
SAGMVFDFTTKGILNAAVEGELWRLIDPQGKAPGVMGWWPAKAVTFVDNHDTGSTQAMWPFPSDKVMQGYAYILTHPGIP
CIFYDHFFNWGFKDQIAALVAIRKRNGITATSALKILMHEGDAYVAEIDGKVVVKIGPRYDVGAVIPAGFVTSAHGNDYA
VWEKN
;
_entity_poly.pdbx_strand_id   A,B,C
#
# COMPACT_ATOMS: atom_id res chain seq x y z
N HIS A 1 39.52 -18.42 -8.65
CA HIS A 1 39.25 -17.16 -9.41
C HIS A 1 40.52 -16.32 -9.51
N GLN A 2 40.90 -15.96 -10.73
CA GLN A 2 42.09 -15.15 -10.96
C GLN A 2 41.89 -14.22 -12.16
N VAL A 3 42.06 -12.93 -11.92
CA VAL A 3 41.90 -11.91 -12.95
C VAL A 3 42.92 -10.81 -12.70
N LEU A 4 43.75 -10.54 -13.69
CA LEU A 4 44.78 -9.51 -13.56
C LEU A 4 44.33 -8.18 -14.10
N PHE A 5 45.02 -7.13 -13.68
CA PHE A 5 44.71 -5.77 -14.11
C PHE A 5 46.02 -5.01 -14.21
N GLN A 6 46.32 -4.46 -15.39
CA GLN A 6 47.53 -3.68 -15.54
C GLN A 6 47.17 -2.30 -15.05
N GLY A 7 47.74 -1.89 -13.92
CA GLY A 7 47.41 -0.60 -13.34
C GLY A 7 48.25 0.59 -13.72
N PHE A 8 48.56 0.74 -15.00
CA PHE A 8 49.33 1.88 -15.50
C PHE A 8 49.41 1.83 -17.02
N ASN A 9 49.79 2.95 -17.62
CA ASN A 9 49.98 3.02 -19.07
C ASN A 9 51.28 3.77 -19.34
N TRP A 10 51.57 4.05 -20.60
CA TRP A 10 52.81 4.71 -20.98
C TRP A 10 52.93 6.17 -20.54
N GLU A 11 51.80 6.78 -20.20
CA GLU A 11 51.78 8.19 -19.78
C GLU A 11 51.71 8.35 -18.26
N SER A 12 51.55 7.25 -17.55
CA SER A 12 51.42 7.27 -16.10
C SER A 12 52.49 8.03 -15.32
N TRP A 13 53.74 7.99 -15.80
CA TRP A 13 54.82 8.67 -15.09
C TRP A 13 54.64 10.18 -14.99
N LYS A 14 53.77 10.74 -15.84
CA LYS A 14 53.51 12.16 -15.87
C LYS A 14 52.43 12.65 -14.92
N GLN A 15 51.69 11.72 -14.31
CA GLN A 15 50.59 12.09 -13.44
C GLN A 15 50.92 13.12 -12.36
N SER A 16 50.16 14.21 -12.35
CA SER A 16 50.36 15.27 -11.37
C SER A 16 50.13 14.71 -9.97
N GLY A 17 51.08 14.94 -9.08
CA GLY A 17 50.97 14.46 -7.72
C GLY A 17 51.45 13.03 -7.54
N GLY A 18 51.77 12.36 -8.64
CA GLY A 18 52.23 10.99 -8.55
C GLY A 18 51.19 9.95 -8.92
N TRP A 19 51.59 8.94 -9.68
CA TRP A 19 50.69 7.89 -10.12
C TRP A 19 50.12 7.04 -8.98
N TYR A 20 50.96 6.62 -8.05
CA TYR A 20 50.47 5.79 -6.95
C TYR A 20 49.41 6.53 -6.16
N ASN A 21 49.66 7.81 -5.87
CA ASN A 21 48.72 8.61 -5.11
C ASN A 21 47.37 8.68 -5.81
N MET A 22 47.41 8.86 -7.13
CA MET A 22 46.20 8.93 -7.93
C MET A 22 45.47 7.59 -7.86
N MET A 23 46.23 6.49 -7.92
CA MET A 23 45.67 5.14 -7.88
C MET A 23 44.92 4.79 -6.59
N MET A 24 45.20 5.51 -5.51
CA MET A 24 44.52 5.24 -4.24
C MET A 24 43.00 5.37 -4.43
N GLY A 25 42.60 6.31 -5.27
CA GLY A 25 41.18 6.53 -5.52
C GLY A 25 40.57 5.56 -6.52
N LYS A 26 41.38 4.64 -7.03
CA LYS A 26 40.92 3.65 -8.00
C LYS A 26 40.85 2.24 -7.39
N VAL A 27 41.50 2.05 -6.25
CA VAL A 27 41.54 0.76 -5.58
C VAL A 27 40.18 0.09 -5.37
N ASP A 28 39.22 0.84 -4.82
CA ASP A 28 37.90 0.27 -4.57
C ASP A 28 37.20 -0.25 -5.82
N ASP A 29 37.25 0.50 -6.91
CA ASP A 29 36.60 0.04 -8.15
C ASP A 29 37.28 -1.20 -8.70
N ILE A 30 38.60 -1.26 -8.62
CA ILE A 30 39.33 -2.42 -9.13
C ILE A 30 38.90 -3.66 -8.36
N ALA A 31 38.92 -3.57 -7.03
CA ALA A 31 38.53 -4.70 -6.18
C ALA A 31 37.08 -5.10 -6.41
N ALA A 32 36.19 -4.11 -6.48
CA ALA A 32 34.78 -4.37 -6.67
C ALA A 32 34.50 -5.07 -8.00
N ALA A 33 35.39 -4.88 -8.97
CA ALA A 33 35.24 -5.48 -10.29
C ALA A 33 35.66 -6.95 -10.33
N GLY A 34 36.22 -7.45 -9.23
CA GLY A 34 36.63 -8.84 -9.19
C GLY A 34 38.09 -9.11 -9.55
N VAL A 35 38.90 -8.06 -9.60
CA VAL A 35 40.33 -8.19 -9.92
C VAL A 35 41.05 -8.81 -8.71
N THR A 36 41.95 -9.75 -8.97
CA THR A 36 42.69 -10.41 -7.90
C THR A 36 44.15 -9.98 -7.81
N HIS A 37 44.69 -9.45 -8.90
CA HIS A 37 46.09 -9.01 -8.93
C HIS A 37 46.25 -7.75 -9.77
N VAL A 38 46.99 -6.78 -9.26
CA VAL A 38 47.24 -5.56 -10.02
C VAL A 38 48.72 -5.47 -10.36
N TRP A 39 49.01 -5.30 -11.64
CA TRP A 39 50.37 -5.18 -12.14
C TRP A 39 50.78 -3.71 -12.11
N LEU A 40 51.81 -3.41 -11.31
CA LEU A 40 52.35 -2.05 -11.16
C LEU A 40 53.67 -1.92 -11.92
N PRO A 41 54.02 -0.70 -12.35
CA PRO A 41 55.25 -0.42 -13.11
C PRO A 41 56.58 -0.62 -12.37
N PRO A 42 57.71 -0.55 -13.10
CA PRO A 42 59.02 -0.71 -12.48
C PRO A 42 59.12 0.37 -11.40
N PRO A 43 59.34 -0.02 -10.13
CA PRO A 43 59.44 0.91 -9.01
C PRO A 43 60.75 1.63 -8.72
N SER A 44 61.85 1.20 -9.31
CA SER A 44 63.16 1.81 -9.03
C SER A 44 63.58 2.96 -9.92
N HIS A 45 64.65 3.63 -9.50
CA HIS A 45 65.24 4.71 -10.27
C HIS A 45 65.52 4.16 -11.66
N SER A 46 65.25 4.97 -12.68
CA SER A 46 65.46 4.57 -14.06
C SER A 46 65.89 5.78 -14.89
N VAL A 47 66.84 5.56 -15.80
CA VAL A 47 67.32 6.64 -16.65
C VAL A 47 66.18 7.13 -17.55
N SER A 48 65.29 6.22 -17.92
CA SER A 48 64.13 6.57 -18.74
C SER A 48 62.97 6.82 -17.77
N ASN A 49 62.11 7.78 -18.10
CA ASN A 49 60.99 8.13 -17.24
C ASN A 49 60.01 6.99 -16.93
N GLU A 50 59.76 6.12 -17.89
CA GLU A 50 58.82 5.02 -17.69
C GLU A 50 59.33 3.93 -16.76
N GLY A 51 60.64 3.91 -16.50
CA GLY A 51 61.21 2.92 -15.59
C GLY A 51 61.85 1.68 -16.16
N TYR A 52 61.91 1.56 -17.48
CA TYR A 52 62.48 0.36 -18.09
C TYR A 52 63.97 0.38 -18.38
N MET A 53 64.67 1.31 -17.74
CA MET A 53 66.12 1.41 -17.85
C MET A 53 66.63 1.64 -16.44
N PRO A 54 66.34 0.70 -15.54
CA PRO A 54 66.72 0.73 -14.12
C PRO A 54 68.21 0.91 -13.83
N GLY A 55 68.48 1.65 -12.76
CA GLY A 55 69.85 1.89 -12.34
C GLY A 55 69.99 1.48 -10.89
N ARG A 56 69.67 2.40 -9.98
CA ARG A 56 69.74 2.15 -8.55
C ARG A 56 68.45 1.42 -8.15
N LEU A 57 68.49 0.10 -8.18
CA LEU A 57 67.33 -0.73 -7.88
C LEU A 57 66.67 -0.50 -6.52
N TYR A 58 67.48 -0.23 -5.49
CA TYR A 58 66.95 0.01 -4.15
C TYR A 58 66.43 1.43 -3.98
N ASP A 59 66.75 2.31 -4.92
CA ASP A 59 66.32 3.72 -4.84
C ASP A 59 64.91 3.90 -5.39
N ILE A 60 63.93 3.52 -4.58
CA ILE A 60 62.52 3.62 -4.93
C ILE A 60 62.05 5.07 -4.91
N ASP A 61 62.63 5.88 -4.03
CA ASP A 61 62.23 7.28 -3.92
C ASP A 61 62.59 8.12 -5.15
N ALA A 62 63.37 7.56 -6.05
CA ALA A 62 63.78 8.28 -7.27
C ALA A 62 62.80 8.10 -8.43
N SER A 63 61.91 7.11 -8.31
CA SER A 63 60.92 6.83 -9.36
C SER A 63 59.98 7.99 -9.68
N LYS A 64 59.59 8.10 -10.94
CA LYS A 64 58.66 9.15 -11.35
C LYS A 64 57.22 8.79 -10.97
N TYR A 65 56.99 7.53 -10.64
CA TYR A 65 55.66 7.05 -10.26
C TYR A 65 55.31 7.41 -8.82
N GLY A 66 56.33 7.47 -7.96
CA GLY A 66 56.10 7.79 -6.57
C GLY A 66 57.19 7.17 -5.71
N ASN A 67 57.26 7.59 -4.45
CA ASN A 67 58.30 7.07 -3.57
C ASN A 67 57.87 5.79 -2.82
N ALA A 68 58.77 5.29 -1.97
CA ALA A 68 58.50 4.07 -1.22
C ALA A 68 57.26 4.18 -0.35
N ALA A 69 57.09 5.32 0.32
CA ALA A 69 55.94 5.54 1.18
C ALA A 69 54.62 5.46 0.40
N GLU A 70 54.57 6.15 -0.73
CA GLU A 70 53.36 6.17 -1.55
C GLU A 70 53.07 4.79 -2.14
N LEU A 71 54.11 4.06 -2.50
CA LEU A 71 53.94 2.72 -3.07
C LEU A 71 53.47 1.76 -1.97
N LYS A 72 54.06 1.86 -0.80
CA LYS A 72 53.66 1.00 0.32
C LYS A 72 52.20 1.26 0.69
N SER A 73 51.78 2.51 0.57
CA SER A 73 50.40 2.87 0.89
C SER A 73 49.42 2.29 -0.12
N LEU A 74 49.81 2.31 -1.40
CA LEU A 74 48.96 1.76 -2.46
C LEU A 74 48.84 0.25 -2.33
N ILE A 75 49.96 -0.42 -2.12
CA ILE A 75 49.95 -1.87 -1.99
C ILE A 75 49.13 -2.26 -0.76
N GLY A 76 49.25 -1.47 0.31
CA GLY A 76 48.49 -1.76 1.52
C GLY A 76 47.01 -1.61 1.27
N ALA A 77 46.63 -0.61 0.48
CA ALA A 77 45.23 -0.37 0.17
C ALA A 77 44.71 -1.54 -0.65
N LEU A 78 45.50 -1.97 -1.62
CA LEU A 78 45.11 -3.12 -2.45
C LEU A 78 44.93 -4.36 -1.58
N HIS A 79 45.90 -4.62 -0.70
CA HIS A 79 45.83 -5.77 0.18
C HIS A 79 44.59 -5.70 1.08
N GLY A 80 44.21 -4.49 1.46
CA GLY A 80 43.04 -4.31 2.30
C GLY A 80 41.75 -4.76 1.63
N LYS A 81 41.78 -4.84 0.31
CA LYS A 81 40.62 -5.28 -0.46
C LYS A 81 40.85 -6.68 -1.02
N GLY A 82 41.86 -7.36 -0.50
CA GLY A 82 42.16 -8.71 -0.93
C GLY A 82 42.83 -8.83 -2.30
N VAL A 83 43.33 -7.72 -2.81
CA VAL A 83 43.98 -7.71 -4.12
C VAL A 83 45.50 -7.75 -3.98
N GLN A 84 46.15 -8.63 -4.75
CA GLN A 84 47.61 -8.74 -4.70
C GLN A 84 48.30 -7.75 -5.63
N ALA A 85 49.59 -7.53 -5.39
CA ALA A 85 50.37 -6.60 -6.19
C ALA A 85 51.50 -7.29 -6.94
N ILE A 86 51.58 -7.05 -8.24
CA ILE A 86 52.62 -7.63 -9.10
C ILE A 86 53.60 -6.51 -9.47
N ALA A 87 54.89 -6.74 -9.26
CA ALA A 87 55.90 -5.73 -9.60
C ALA A 87 56.49 -6.03 -10.97
N ASP A 88 56.69 -4.99 -11.77
CA ASP A 88 57.28 -5.14 -13.10
C ASP A 88 58.78 -5.24 -12.82
N ILE A 89 59.34 -6.43 -13.03
CA ILE A 89 60.76 -6.69 -12.78
C ILE A 89 61.56 -6.61 -14.07
N VAL A 90 62.45 -5.62 -14.11
CA VAL A 90 63.32 -5.37 -15.26
C VAL A 90 64.75 -5.70 -14.87
N ILE A 91 65.22 -6.89 -15.27
CA ILE A 91 66.58 -7.30 -14.93
C ILE A 91 67.46 -7.78 -16.08
N ASN A 92 66.96 -7.71 -17.31
CA ASN A 92 67.77 -8.14 -18.45
C ASN A 92 68.98 -7.21 -18.58
N HIS A 93 68.72 -5.92 -18.40
CA HIS A 93 69.73 -4.88 -18.51
C HIS A 93 69.65 -3.94 -17.32
N ARG A 94 70.67 -3.09 -17.19
CA ARG A 94 70.72 -2.13 -16.10
C ARG A 94 71.71 -1.04 -16.45
N CYS A 95 71.41 0.19 -16.05
CA CYS A 95 72.29 1.31 -16.33
C CYS A 95 73.27 1.50 -15.17
N ALA A 96 74.54 1.76 -15.49
CA ALA A 96 75.55 1.97 -14.47
C ALA A 96 75.69 3.46 -14.20
N ASP A 97 75.58 3.85 -12.94
CA ASP A 97 75.68 5.26 -12.57
C ASP A 97 77.06 5.87 -12.75
N TYR A 98 78.10 5.09 -12.48
CA TYR A 98 79.46 5.61 -12.54
C TYR A 98 80.43 5.06 -13.57
N LYS A 99 81.51 5.81 -13.78
CA LYS A 99 82.56 5.45 -14.73
C LYS A 99 83.73 4.75 -14.03
N ASP A 100 84.36 3.82 -14.73
CA ASP A 100 85.51 3.13 -14.19
C ASP A 100 86.76 3.81 -14.72
N SER A 101 87.93 3.26 -14.41
CA SER A 101 89.19 3.85 -14.86
C SER A 101 89.30 3.95 -16.37
N ARG A 102 88.47 3.20 -17.09
CA ARG A 102 88.48 3.21 -18.54
C ARG A 102 87.59 4.34 -19.08
N GLY A 103 86.84 4.98 -18.19
CA GLY A 103 85.96 6.04 -18.60
C GLY A 103 84.64 5.52 -19.12
N ILE A 104 84.39 4.24 -18.87
CA ILE A 104 83.15 3.59 -19.31
C ILE A 104 82.15 3.50 -18.16
N TYR A 105 80.87 3.73 -18.47
CA TYR A 105 79.83 3.64 -17.45
C TYR A 105 79.50 2.17 -17.19
N CYS A 106 80.28 1.55 -16.31
CA CYS A 106 80.08 0.14 -15.99
C CYS A 106 80.17 -0.13 -14.49
N ILE A 107 80.19 0.92 -13.69
CA ILE A 107 80.24 0.77 -12.23
C ILE A 107 78.83 1.09 -11.74
N PHE A 108 78.15 0.08 -11.22
CA PHE A 108 76.78 0.23 -10.76
C PHE A 108 76.61 0.66 -9.31
N GLU A 109 75.43 1.22 -9.02
CA GLU A 109 75.07 1.68 -7.69
C GLU A 109 73.70 1.08 -7.32
N GLY A 110 73.67 0.32 -6.24
CA GLY A 110 72.42 -0.29 -5.81
C GLY A 110 71.43 0.69 -5.21
N GLY A 111 71.96 1.75 -4.62
CA GLY A 111 71.09 2.75 -4.02
C GLY A 111 71.17 2.76 -2.51
N THR A 112 72.03 1.91 -1.94
CA THR A 112 72.20 1.84 -0.50
C THR A 112 73.63 2.22 -0.12
N SER A 113 73.87 2.32 1.18
CA SER A 113 75.20 2.68 1.69
C SER A 113 76.26 1.63 1.38
N ASP A 114 75.95 0.37 1.69
CA ASP A 114 76.89 -0.72 1.46
C ASP A 114 77.07 -1.03 -0.03
N GLY A 115 77.66 -2.18 -0.32
CA GLY A 115 77.91 -2.56 -1.70
C GLY A 115 76.86 -3.39 -2.40
N ARG A 116 75.68 -3.53 -1.79
CA ARG A 116 74.62 -4.31 -2.42
C ARG A 116 74.36 -3.79 -3.83
N LEU A 117 74.44 -4.68 -4.82
CA LEU A 117 74.23 -4.34 -6.22
C LEU A 117 75.25 -3.36 -6.81
N ASP A 118 76.33 -3.10 -6.07
CA ASP A 118 77.39 -2.21 -6.56
C ASP A 118 78.31 -3.02 -7.45
N TRP A 119 77.79 -3.47 -8.59
CA TRP A 119 78.56 -4.30 -9.51
C TRP A 119 79.56 -3.52 -10.36
N GLY A 120 80.32 -4.28 -11.14
CA GLY A 120 81.31 -3.69 -12.03
C GLY A 120 81.17 -4.35 -13.41
N PRO A 121 82.09 -4.07 -14.34
CA PRO A 121 82.03 -4.65 -15.69
C PRO A 121 82.09 -6.18 -15.74
N HIS A 122 82.51 -6.81 -14.65
CA HIS A 122 82.59 -8.26 -14.60
C HIS A 122 81.18 -8.87 -14.62
N MET A 123 80.18 -8.06 -14.29
CA MET A 123 78.79 -8.52 -14.28
C MET A 123 78.04 -8.19 -15.56
N ILE A 124 78.75 -7.66 -16.54
CA ILE A 124 78.15 -7.31 -17.83
C ILE A 124 78.53 -8.37 -18.86
N CYS A 125 77.52 -8.93 -19.54
CA CYS A 125 77.76 -9.96 -20.55
C CYS A 125 78.97 -9.57 -21.39
N ARG A 126 79.93 -10.48 -21.51
CA ARG A 126 81.15 -10.17 -22.26
C ARG A 126 80.89 -9.77 -23.71
N ASP A 127 79.80 -10.25 -24.31
CA ASP A 127 79.53 -9.87 -25.68
C ASP A 127 78.86 -8.52 -25.86
N ASP A 128 78.66 -7.80 -24.76
CA ASP A 128 78.10 -6.44 -24.80
C ASP A 128 79.40 -5.64 -24.68
N THR A 129 80.21 -5.71 -25.74
CA THR A 129 81.53 -5.09 -25.80
C THR A 129 81.69 -3.61 -25.48
N LYS A 130 80.62 -2.84 -25.60
CA LYS A 130 80.68 -1.41 -25.30
C LYS A 130 80.96 -1.15 -23.82
N TYR A 131 80.45 -2.02 -22.96
CA TYR A 131 80.60 -1.86 -21.52
C TYR A 131 81.40 -2.92 -20.77
N SER A 132 81.38 -4.15 -21.25
CA SER A 132 82.07 -5.26 -20.59
C SER A 132 83.58 -5.16 -20.53
N ASP A 133 84.16 -6.00 -19.67
CA ASP A 133 85.61 -6.04 -19.52
C ASP A 133 86.07 -7.40 -20.04
N GLY A 134 85.14 -8.12 -20.68
CA GLY A 134 85.43 -9.41 -21.27
C GLY A 134 85.60 -10.61 -20.35
N THR A 135 85.40 -10.42 -19.05
CA THR A 135 85.57 -11.53 -18.12
C THR A 135 84.28 -12.29 -17.84
N ALA A 136 83.15 -11.71 -18.21
CA ALA A 136 81.85 -12.33 -17.96
C ALA A 136 81.48 -13.42 -18.95
N ASN A 137 80.35 -14.06 -18.66
CA ASN A 137 79.81 -15.11 -19.52
C ASN A 137 79.12 -14.39 -20.67
N LEU A 138 78.73 -15.16 -21.69
CA LEU A 138 78.01 -14.61 -22.82
C LEU A 138 76.55 -14.44 -22.41
N ASP A 139 75.88 -13.48 -23.03
CA ASP A 139 74.46 -13.23 -22.74
C ASP A 139 73.69 -14.54 -22.92
N THR A 140 72.79 -14.86 -21.99
CA THR A 140 72.01 -16.09 -22.11
C THR A 140 70.78 -15.88 -22.98
N GLY A 141 70.56 -14.64 -23.38
CA GLY A 141 69.42 -14.31 -24.21
C GLY A 141 69.72 -13.14 -25.12
N ALA A 142 68.66 -12.48 -25.58
CA ALA A 142 68.79 -11.33 -26.47
C ALA A 142 69.39 -10.12 -25.76
N ASP A 143 69.90 -9.17 -26.55
CA ASP A 143 70.49 -7.96 -26.02
C ASP A 143 69.54 -6.75 -26.09
N PHE A 144 69.76 -5.80 -25.19
CA PHE A 144 69.00 -4.56 -25.15
C PHE A 144 70.07 -3.51 -25.52
N ALA A 145 69.95 -2.96 -26.73
CA ALA A 145 70.92 -2.00 -27.24
C ALA A 145 71.27 -0.77 -26.40
N ALA A 146 70.27 -0.15 -25.79
CA ALA A 146 70.49 1.08 -25.02
C ALA A 146 71.19 1.00 -23.66
N ALA A 147 71.41 -0.20 -23.15
CA ALA A 147 72.05 -0.34 -21.86
C ALA A 147 72.82 -1.65 -21.69
N PRO A 148 73.68 -1.72 -20.66
CA PRO A 148 74.47 -2.94 -20.40
C PRO A 148 73.58 -4.13 -20.10
N ASP A 149 73.85 -5.26 -20.74
CA ASP A 149 73.08 -6.46 -20.46
C ASP A 149 73.79 -7.17 -19.32
N ILE A 150 73.00 -7.61 -18.35
CA ILE A 150 73.53 -8.28 -17.16
C ILE A 150 73.82 -9.76 -17.34
N ASP A 151 74.94 -10.22 -16.77
CA ASP A 151 75.32 -11.62 -16.84
C ASP A 151 74.65 -12.39 -15.72
N HIS A 152 73.51 -13.00 -16.02
CA HIS A 152 72.77 -13.75 -15.02
C HIS A 152 73.41 -15.06 -14.59
N LEU A 153 74.47 -15.46 -15.29
CA LEU A 153 75.15 -16.69 -14.90
C LEU A 153 76.12 -16.39 -13.76
N ASN A 154 76.35 -15.10 -13.49
CA ASN A 154 77.24 -14.67 -12.42
C ASN A 154 76.59 -14.96 -11.06
N ASP A 155 77.33 -15.64 -10.18
CA ASP A 155 76.82 -16.00 -8.86
C ASP A 155 76.39 -14.81 -8.00
N ARG A 156 77.20 -13.76 -7.97
CA ARG A 156 76.87 -12.59 -7.17
C ARG A 156 75.61 -11.91 -7.71
N VAL A 157 75.48 -11.85 -9.03
CA VAL A 157 74.30 -11.25 -9.64
C VAL A 157 73.05 -11.99 -9.17
N GLN A 158 73.06 -13.32 -9.28
CA GLN A 158 71.91 -14.12 -8.87
C GLN A 158 71.60 -13.91 -7.40
N ARG A 159 72.64 -13.98 -6.58
CA ARG A 159 72.51 -13.81 -5.15
C ARG A 159 71.90 -12.46 -4.77
N GLU A 160 72.47 -11.38 -5.29
CA GLU A 160 71.98 -10.04 -4.97
C GLU A 160 70.64 -9.65 -5.58
N LEU A 161 70.31 -10.16 -6.76
CA LEU A 161 69.02 -9.82 -7.34
C LEU A 161 67.91 -10.52 -6.57
N LYS A 162 68.18 -11.75 -6.11
CA LYS A 162 67.18 -12.47 -5.32
C LYS A 162 66.97 -11.75 -4.00
N GLU A 163 68.06 -11.25 -3.42
CA GLU A 163 67.98 -10.52 -2.15
C GLU A 163 67.11 -9.28 -2.36
N TRP A 164 67.34 -8.57 -3.46
CA TRP A 164 66.59 -7.37 -3.79
C TRP A 164 65.11 -7.72 -4.03
N LEU A 165 64.87 -8.80 -4.74
CA LEU A 165 63.50 -9.23 -5.02
C LEU A 165 62.78 -9.57 -3.72
N LEU A 166 63.46 -10.24 -2.79
CA LEU A 166 62.84 -10.59 -1.52
C LEU A 166 62.53 -9.34 -0.71
N TRP A 167 63.37 -8.32 -0.88
CA TRP A 167 63.22 -7.04 -0.21
C TRP A 167 61.97 -6.35 -0.74
N LEU A 168 61.73 -6.46 -2.04
CA LEU A 168 60.54 -5.84 -2.64
C LEU A 168 59.30 -6.40 -1.95
N LYS A 169 59.33 -7.68 -1.63
CA LYS A 169 58.20 -8.33 -0.98
C LYS A 169 58.06 -7.95 0.49
N SER A 170 59.16 -8.07 1.23
CA SER A 170 59.15 -7.78 2.66
C SER A 170 59.03 -6.31 3.04
N ASP A 171 59.68 -5.44 2.27
CA ASP A 171 59.66 -4.01 2.58
C ASP A 171 58.56 -3.21 1.89
N LEU A 172 58.16 -3.62 0.69
CA LEU A 172 57.14 -2.89 -0.04
C LEU A 172 55.78 -3.60 -0.02
N GLY A 173 55.82 -4.93 0.05
CA GLY A 173 54.59 -5.70 0.09
C GLY A 173 54.22 -6.42 -1.19
N PHE A 174 55.10 -6.37 -2.20
CA PHE A 174 54.82 -7.05 -3.47
C PHE A 174 54.63 -8.55 -3.28
N ASP A 175 53.71 -9.11 -4.07
CA ASP A 175 53.38 -10.54 -3.99
C ASP A 175 53.89 -11.39 -5.15
N ALA A 176 53.90 -10.82 -6.34
CA ALA A 176 54.30 -11.53 -7.54
C ALA A 176 55.12 -10.67 -8.49
N TRP A 177 55.60 -11.30 -9.57
CA TRP A 177 56.42 -10.61 -10.57
C TRP A 177 55.90 -10.67 -12.00
N ARG A 178 56.31 -9.68 -12.78
CA ARG A 178 56.03 -9.60 -14.20
C ARG A 178 57.45 -9.43 -14.75
N LEU A 179 57.94 -10.46 -15.44
CA LEU A 179 59.31 -10.42 -15.97
C LEU A 179 59.42 -9.70 -17.30
N ASP A 180 59.97 -8.50 -17.25
CA ASP A 180 60.16 -7.68 -18.44
C ASP A 180 61.20 -8.26 -19.41
N PHE A 181 60.89 -8.18 -20.70
CA PHE A 181 61.79 -8.64 -21.76
C PHE A 181 62.49 -9.95 -21.38
N ALA A 182 61.68 -10.98 -21.14
CA ALA A 182 62.19 -12.29 -20.75
C ALA A 182 62.96 -12.97 -21.87
N ARG A 183 62.91 -12.43 -23.07
CA ARG A 183 63.68 -13.01 -24.17
C ARG A 183 65.13 -12.60 -24.01
N GLY A 184 65.37 -11.62 -23.13
CA GLY A 184 66.72 -11.13 -22.88
C GLY A 184 67.62 -12.12 -22.15
N TYR A 185 67.02 -13.11 -21.51
CA TYR A 185 67.78 -14.13 -20.80
C TYR A 185 67.04 -15.47 -20.89
N SER A 186 67.77 -16.55 -20.63
CA SER A 186 67.19 -17.90 -20.72
C SER A 186 66.15 -18.22 -19.66
N PRO A 187 65.24 -19.15 -19.97
CA PRO A 187 64.22 -19.53 -18.99
C PRO A 187 64.89 -20.18 -17.79
N GLU A 188 66.07 -20.77 -18.02
CA GLU A 188 66.80 -21.41 -16.92
C GLU A 188 67.24 -20.35 -15.92
N MET A 189 67.54 -19.15 -16.40
CA MET A 189 67.94 -18.08 -15.51
C MET A 189 66.71 -17.49 -14.82
N ALA A 190 65.59 -17.42 -15.53
CA ALA A 190 64.36 -16.91 -14.94
C ALA A 190 63.96 -17.87 -13.82
N LYS A 191 64.23 -19.15 -14.01
CA LYS A 191 63.91 -20.18 -13.03
C LYS A 191 64.65 -19.91 -11.72
N VAL A 192 65.89 -19.44 -11.84
CA VAL A 192 66.68 -19.14 -10.66
C VAL A 192 65.96 -18.11 -9.78
N TYR A 193 65.49 -17.04 -10.40
CA TYR A 193 64.82 -15.97 -9.67
C TYR A 193 63.42 -16.34 -9.18
N ILE A 194 62.67 -17.07 -10.00
CA ILE A 194 61.32 -17.49 -9.61
C ILE A 194 61.40 -18.46 -8.44
N ASP A 195 62.15 -19.55 -8.61
CA ASP A 195 62.28 -20.54 -7.55
C ASP A 195 62.87 -19.93 -6.27
N GLY A 196 63.81 -19.01 -6.42
CA GLY A 196 64.44 -18.40 -5.26
C GLY A 196 63.70 -17.30 -4.54
N THR A 197 62.58 -16.82 -5.09
CA THR A 197 61.84 -15.74 -4.44
C THR A 197 60.38 -16.05 -4.12
N SER A 198 59.94 -17.26 -4.47
CA SER A 198 58.58 -17.73 -4.21
C SER A 198 57.43 -16.76 -4.48
N PRO A 199 57.31 -16.25 -5.70
CA PRO A 199 56.22 -15.32 -6.00
C PRO A 199 54.92 -16.12 -6.15
N SER A 200 53.77 -15.50 -5.88
CA SER A 200 52.50 -16.21 -6.03
C SER A 200 52.36 -16.60 -7.49
N LEU A 201 52.98 -15.80 -8.35
CA LEU A 201 53.01 -16.04 -9.79
C LEU A 201 54.09 -15.17 -10.41
N ALA A 202 54.61 -15.60 -11.55
CA ALA A 202 55.63 -14.85 -12.26
C ALA A 202 55.30 -14.91 -13.74
N VAL A 203 54.63 -13.89 -14.24
CA VAL A 203 54.23 -13.86 -15.64
C VAL A 203 55.31 -13.16 -16.46
N ALA A 204 55.91 -13.91 -17.38
CA ALA A 204 56.99 -13.38 -18.20
C ALA A 204 56.56 -12.84 -19.56
N GLU A 205 57.19 -11.75 -19.98
CA GLU A 205 56.91 -11.18 -21.29
C GLU A 205 57.91 -11.81 -22.25
N VAL A 206 57.47 -12.87 -22.94
CA VAL A 206 58.29 -13.55 -23.92
C VAL A 206 57.59 -13.21 -25.24
N TRP A 207 58.12 -12.22 -25.94
CA TRP A 207 57.51 -11.75 -27.17
C TRP A 207 58.33 -12.00 -28.43
N ASP A 208 57.90 -12.97 -29.23
CA ASP A 208 58.57 -13.31 -30.49
C ASP A 208 57.69 -12.81 -31.64
N ASN A 209 58.31 -12.52 -32.77
CA ASN A 209 57.55 -12.05 -33.93
C ASN A 209 56.60 -13.15 -34.42
N MET A 210 55.43 -12.73 -34.92
CA MET A 210 54.44 -13.67 -35.43
C MET A 210 54.52 -13.71 -36.95
N ALA A 211 54.70 -14.91 -37.51
CA ALA A 211 54.80 -15.08 -38.95
C ALA A 211 53.51 -14.68 -39.67
N THR A 212 53.65 -13.95 -40.76
CA THR A 212 52.51 -13.50 -41.56
C THR A 212 52.59 -14.02 -42.99
N GLY A 213 51.48 -13.89 -43.72
CA GLY A 213 51.44 -14.35 -45.09
C GLY A 213 51.57 -13.24 -46.12
N GLY A 214 51.29 -13.57 -47.38
CA GLY A 214 51.39 -12.61 -48.45
C GLY A 214 50.47 -11.41 -48.29
N ASP A 215 49.35 -11.60 -47.62
CA ASP A 215 48.39 -10.51 -47.41
C ASP A 215 48.73 -9.68 -46.17
N GLY A 216 49.85 -9.99 -45.53
CA GLY A 216 50.26 -9.24 -44.36
C GLY A 216 49.59 -9.67 -43.06
N LYS A 217 48.64 -10.60 -43.14
CA LYS A 217 47.94 -11.08 -41.96
C LYS A 217 48.70 -12.25 -41.37
N PRO A 218 48.52 -12.51 -40.06
CA PRO A 218 49.23 -13.65 -39.48
C PRO A 218 48.76 -14.97 -40.09
N ASN A 219 49.64 -15.97 -40.12
CA ASN A 219 49.25 -17.26 -40.66
C ASN A 219 48.25 -17.91 -39.71
N TYR A 220 47.36 -18.73 -40.26
CA TYR A 220 46.37 -19.43 -39.46
C TYR A 220 47.05 -20.36 -38.46
N ASP A 221 48.03 -21.12 -38.93
CA ASP A 221 48.75 -22.05 -38.08
C ASP A 221 49.85 -21.32 -37.32
N GLN A 222 49.60 -21.05 -36.04
CA GLN A 222 50.57 -20.36 -35.20
C GLN A 222 51.24 -21.29 -34.18
N ASP A 223 51.24 -22.58 -34.47
CA ASP A 223 51.84 -23.56 -33.56
C ASP A 223 53.29 -23.27 -33.21
N ALA A 224 54.07 -22.79 -34.17
CA ALA A 224 55.49 -22.49 -33.91
C ALA A 224 55.61 -21.38 -32.88
N HIS A 225 54.70 -20.41 -32.95
CA HIS A 225 54.72 -19.29 -32.02
C HIS A 225 54.36 -19.74 -30.61
N ARG A 226 53.27 -20.48 -30.44
CA ARG A 226 52.92 -20.94 -29.11
C ARG A 226 53.85 -22.04 -28.60
N GLN A 227 54.54 -22.73 -29.52
CA GLN A 227 55.47 -23.78 -29.14
C GLN A 227 56.61 -23.12 -28.37
N ASN A 228 57.07 -21.98 -28.87
CA ASN A 228 58.16 -21.27 -28.22
C ASN A 228 57.76 -20.89 -26.80
N LEU A 229 56.51 -20.48 -26.64
CA LEU A 229 56.01 -20.07 -25.32
C LEU A 229 55.89 -21.26 -24.36
N VAL A 230 55.32 -22.37 -24.81
CA VAL A 230 55.21 -23.52 -23.93
C VAL A 230 56.60 -24.06 -23.61
N ASN A 231 57.52 -23.97 -24.56
CA ASN A 231 58.88 -24.44 -24.33
C ASN A 231 59.54 -23.63 -23.21
N TRP A 232 59.26 -22.34 -23.18
CA TRP A 232 59.81 -21.48 -22.15
C TRP A 232 59.29 -21.93 -20.79
N VAL A 233 57.98 -22.18 -20.72
CA VAL A 233 57.37 -22.62 -19.47
C VAL A 233 57.94 -23.97 -19.02
N ASP A 234 58.13 -24.90 -19.96
CA ASP A 234 58.69 -26.20 -19.62
C ASP A 234 60.07 -26.03 -18.99
N LYS A 235 60.90 -25.21 -19.62
CA LYS A 235 62.25 -24.98 -19.15
C LYS A 235 62.34 -24.22 -17.82
N VAL A 236 61.30 -23.48 -17.48
CA VAL A 236 61.32 -22.74 -16.22
C VAL A 236 60.86 -23.62 -15.06
N GLY A 237 60.34 -24.80 -15.39
CA GLY A 237 59.88 -25.71 -14.36
C GLY A 237 58.50 -26.29 -14.58
N GLY A 238 57.79 -25.76 -15.57
CA GLY A 238 56.45 -26.26 -15.87
C GLY A 238 55.46 -26.13 -14.72
N ALA A 239 54.69 -27.19 -14.49
CA ALA A 239 53.70 -27.20 -13.42
C ALA A 239 54.34 -27.05 -12.04
N ALA A 240 55.63 -27.31 -11.94
CA ALA A 240 56.33 -27.20 -10.67
C ALA A 240 56.84 -25.78 -10.44
N SER A 241 56.48 -24.87 -11.33
CA SER A 241 56.91 -23.48 -11.23
C SER A 241 55.75 -22.49 -11.17
N ALA A 242 55.99 -21.35 -10.54
CA ALA A 242 54.99 -20.31 -10.41
C ALA A 242 55.03 -19.47 -11.70
N GLY A 243 55.95 -19.81 -12.58
CA GLY A 243 56.10 -19.09 -13.82
C GLY A 243 55.03 -19.36 -14.86
N MET A 244 54.75 -18.35 -15.67
CA MET A 244 53.76 -18.44 -16.73
C MET A 244 54.11 -17.39 -17.78
N VAL A 245 53.35 -17.33 -18.87
CA VAL A 245 53.65 -16.38 -19.93
C VAL A 245 52.46 -15.60 -20.46
N PHE A 246 52.73 -14.41 -20.99
CA PHE A 246 51.65 -13.63 -21.58
C PHE A 246 51.35 -14.35 -22.89
N ASP A 247 50.07 -14.56 -23.16
CA ASP A 247 49.68 -15.27 -24.38
C ASP A 247 49.69 -14.35 -25.59
N PHE A 248 50.89 -14.08 -26.10
CA PHE A 248 51.04 -13.22 -27.27
C PHE A 248 50.49 -13.88 -28.53
N THR A 249 50.40 -15.22 -28.50
CA THR A 249 49.86 -15.95 -29.64
C THR A 249 48.40 -15.58 -29.79
N THR A 250 47.65 -15.67 -28.69
CA THR A 250 46.24 -15.32 -28.70
C THR A 250 46.06 -13.85 -29.05
N LYS A 251 46.96 -13.00 -28.56
CA LYS A 251 46.88 -11.57 -28.84
C LYS A 251 47.02 -11.33 -30.34
N GLY A 252 48.02 -11.96 -30.95
CA GLY A 252 48.23 -11.78 -32.37
C GLY A 252 47.08 -12.29 -33.22
N ILE A 253 46.58 -13.47 -32.88
CA ILE A 253 45.48 -14.07 -33.62
C ILE A 253 44.19 -13.27 -33.44
N LEU A 254 43.86 -12.95 -32.20
CA LEU A 254 42.63 -12.21 -31.91
C LEU A 254 42.61 -10.85 -32.64
N ASN A 255 43.78 -10.19 -32.70
CA ASN A 255 43.89 -8.90 -33.38
C ASN A 255 43.34 -9.02 -34.80
N ALA A 256 43.71 -10.10 -35.48
CA ALA A 256 43.29 -10.36 -36.85
C ALA A 256 41.91 -11.00 -36.97
N ALA A 257 41.59 -11.90 -36.04
CA ALA A 257 40.32 -12.61 -36.05
C ALA A 257 39.08 -11.72 -36.05
N VAL A 258 39.06 -10.69 -35.21
CA VAL A 258 37.89 -9.83 -35.12
C VAL A 258 37.60 -9.04 -36.39
N GLU A 259 38.54 -9.04 -37.33
CA GLU A 259 38.36 -8.31 -38.59
C GLU A 259 37.71 -9.22 -39.63
N GLY A 260 36.56 -9.78 -39.28
CA GLY A 260 35.83 -10.66 -40.20
C GLY A 260 36.44 -12.03 -40.43
N GLU A 261 37.34 -12.46 -39.56
CA GLU A 261 37.98 -13.77 -39.72
C GLU A 261 38.00 -14.56 -38.41
N LEU A 262 36.83 -14.69 -37.80
CA LEU A 262 36.73 -15.41 -36.52
C LEU A 262 37.00 -16.91 -36.68
N TRP A 263 37.15 -17.36 -37.92
CA TRP A 263 37.45 -18.77 -38.17
C TRP A 263 38.87 -19.08 -37.70
N ARG A 264 39.63 -18.03 -37.37
CA ARG A 264 41.00 -18.17 -36.89
C ARG A 264 41.03 -18.64 -35.43
N LEU A 265 39.91 -18.49 -34.73
CA LEU A 265 39.82 -18.84 -33.32
C LEU A 265 39.70 -20.30 -32.90
N ILE A 266 40.14 -21.21 -33.77
CA ILE A 266 40.10 -22.63 -33.43
C ILE A 266 41.17 -23.33 -34.25
N ASP A 267 41.91 -24.27 -33.64
CA ASP A 267 42.92 -24.99 -34.39
C ASP A 267 42.27 -26.24 -35.00
N PRO A 268 43.01 -26.99 -35.83
CA PRO A 268 42.46 -28.19 -36.45
C PRO A 268 42.00 -29.28 -35.50
N GLN A 269 42.50 -29.25 -34.27
CA GLN A 269 42.15 -30.25 -33.27
C GLN A 269 41.00 -29.80 -32.36
N GLY A 270 40.37 -28.67 -32.69
CA GLY A 270 39.26 -28.16 -31.91
C GLY A 270 39.62 -27.35 -30.67
N LYS A 271 40.89 -27.01 -30.50
CA LYS A 271 41.31 -26.24 -29.33
C LYS A 271 41.52 -24.77 -29.68
N ALA A 272 41.64 -23.92 -28.65
CA ALA A 272 41.91 -22.50 -28.87
C ALA A 272 43.28 -22.50 -29.56
N PRO A 273 43.49 -21.61 -30.54
CA PRO A 273 44.75 -21.52 -31.28
C PRO A 273 45.98 -20.93 -30.60
N GLY A 274 45.79 -20.26 -29.46
CA GLY A 274 46.93 -19.68 -28.76
C GLY A 274 47.42 -20.59 -27.65
N VAL A 275 48.24 -20.06 -26.75
CA VAL A 275 48.77 -20.86 -25.65
C VAL A 275 47.60 -21.41 -24.83
N MET A 276 46.52 -20.64 -24.79
CA MET A 276 45.30 -21.01 -24.08
C MET A 276 44.84 -22.42 -24.46
N GLY A 277 45.04 -22.78 -25.73
CA GLY A 277 44.61 -24.09 -26.21
C GLY A 277 45.49 -25.26 -25.82
N TRP A 278 46.74 -24.99 -25.44
CA TRP A 278 47.67 -26.06 -25.05
C TRP A 278 47.96 -26.12 -23.55
N TRP A 279 48.15 -24.95 -22.94
CA TRP A 279 48.47 -24.88 -21.52
C TRP A 279 47.78 -23.66 -20.91
N PRO A 280 46.44 -23.71 -20.80
CA PRO A 280 45.68 -22.58 -20.24
C PRO A 280 46.07 -22.13 -18.84
N ALA A 281 46.54 -23.06 -18.01
CA ALA A 281 46.93 -22.71 -16.65
C ALA A 281 48.14 -21.77 -16.64
N LYS A 282 48.87 -21.75 -17.75
CA LYS A 282 50.07 -20.93 -17.88
C LYS A 282 49.95 -19.77 -18.87
N ALA A 283 48.74 -19.48 -19.32
CA ALA A 283 48.55 -18.42 -20.30
C ALA A 283 47.83 -17.20 -19.75
N VAL A 284 48.49 -16.05 -19.77
CA VAL A 284 47.86 -14.82 -19.32
C VAL A 284 47.43 -14.07 -20.57
N THR A 285 46.12 -14.01 -20.80
CA THR A 285 45.56 -13.37 -21.97
C THR A 285 45.33 -11.88 -21.78
N PHE A 286 45.31 -11.13 -22.88
CA PHE A 286 45.09 -9.69 -22.81
C PHE A 286 44.65 -9.08 -24.13
N VAL A 287 44.03 -7.91 -24.05
CA VAL A 287 43.55 -7.20 -25.23
C VAL A 287 44.62 -6.22 -25.70
N ASP A 288 45.26 -5.55 -24.74
CA ASP A 288 46.34 -4.60 -25.04
C ASP A 288 47.10 -4.29 -23.76
N ASN A 289 48.34 -3.83 -23.92
CA ASN A 289 49.15 -3.43 -22.78
C ASN A 289 49.82 -2.09 -23.12
N HIS A 290 50.72 -1.62 -22.28
CA HIS A 290 51.39 -0.34 -22.51
C HIS A 290 52.24 -0.28 -23.78
N ASP A 291 52.59 -1.44 -24.34
CA ASP A 291 53.40 -1.51 -25.55
C ASP A 291 52.54 -1.64 -26.81
N THR A 292 51.65 -2.62 -26.80
CA THR A 292 50.80 -2.89 -27.94
C THR A 292 49.76 -1.80 -28.16
N GLY A 293 49.32 -1.19 -27.05
CA GLY A 293 48.35 -0.12 -27.13
C GLY A 293 48.91 1.15 -26.51
N SER A 294 48.06 1.87 -25.79
CA SER A 294 48.48 3.11 -25.15
C SER A 294 49.07 4.04 -26.21
N THR A 295 50.08 4.81 -25.82
CA THR A 295 50.70 5.76 -26.76
C THR A 295 51.73 5.14 -27.70
N GLN A 296 52.25 3.96 -27.35
CA GLN A 296 53.24 3.31 -28.22
C GLN A 296 52.58 2.64 -29.41
N ALA A 297 51.38 2.10 -29.20
CA ALA A 297 50.60 1.45 -30.24
C ALA A 297 51.40 0.55 -31.19
N MET A 298 52.15 -0.38 -30.62
CA MET A 298 52.96 -1.30 -31.42
C MET A 298 52.16 -2.39 -32.11
N TRP A 299 50.98 -2.70 -31.56
CA TRP A 299 50.15 -3.79 -32.09
C TRP A 299 48.77 -3.66 -31.45
N PRO A 300 48.13 -2.49 -31.62
CA PRO A 300 46.81 -2.22 -31.04
C PRO A 300 45.65 -3.09 -31.50
N PHE A 301 44.75 -3.38 -30.57
CA PHE A 301 43.57 -4.18 -30.87
C PHE A 301 42.67 -3.23 -31.66
N PRO A 302 41.96 -3.73 -32.69
CA PRO A 302 41.08 -2.83 -33.45
C PRO A 302 40.20 -2.07 -32.44
N SER A 303 40.39 -0.76 -32.37
CA SER A 303 39.65 0.06 -31.41
C SER A 303 38.13 -0.09 -31.36
N ASP A 304 37.50 -0.33 -32.50
CA ASP A 304 36.05 -0.48 -32.52
C ASP A 304 35.57 -1.84 -32.02
N LYS A 305 36.51 -2.76 -31.81
CA LYS A 305 36.15 -4.10 -31.37
C LYS A 305 36.73 -4.54 -30.03
N VAL A 306 37.18 -3.58 -29.23
CA VAL A 306 37.76 -3.90 -27.93
C VAL A 306 36.85 -4.73 -27.04
N MET A 307 35.56 -4.43 -26.98
CA MET A 307 34.69 -5.23 -26.12
C MET A 307 34.54 -6.68 -26.58
N GLN A 308 34.79 -6.94 -27.87
CA GLN A 308 34.73 -8.32 -28.34
C GLN A 308 35.94 -9.02 -27.74
N GLY A 309 37.04 -8.30 -27.66
CA GLY A 309 38.25 -8.85 -27.07
C GLY A 309 38.05 -9.23 -25.62
N TYR A 310 37.35 -8.38 -24.86
CA TYR A 310 37.11 -8.68 -23.45
C TYR A 310 36.06 -9.78 -23.27
N ALA A 311 35.07 -9.82 -24.14
CA ALA A 311 34.04 -10.87 -24.04
C ALA A 311 34.76 -12.20 -24.20
N TYR A 312 35.74 -12.23 -25.08
CA TYR A 312 36.53 -13.44 -25.33
C TYR A 312 37.40 -13.81 -24.12
N ILE A 313 38.38 -12.97 -23.79
CA ILE A 313 39.27 -13.33 -22.68
C ILE A 313 38.65 -13.44 -21.29
N LEU A 314 37.64 -12.62 -20.98
CA LEU A 314 37.05 -12.70 -19.64
C LEU A 314 36.14 -13.90 -19.42
N THR A 315 35.73 -14.59 -20.48
CA THR A 315 34.87 -15.78 -20.34
C THR A 315 35.64 -17.08 -20.55
N HIS A 316 36.77 -16.99 -21.23
CA HIS A 316 37.59 -18.15 -21.58
C HIS A 316 38.67 -18.61 -20.60
N PRO A 317 39.19 -19.83 -20.82
CA PRO A 317 40.24 -20.36 -19.95
C PRO A 317 41.48 -19.47 -20.11
N GLY A 318 42.48 -19.71 -19.26
CA GLY A 318 43.66 -18.88 -19.28
C GLY A 318 43.37 -17.83 -18.22
N ILE A 319 44.32 -16.95 -17.92
CA ILE A 319 44.11 -15.91 -16.92
C ILE A 319 44.05 -14.57 -17.63
N PRO A 320 42.86 -13.94 -17.67
CA PRO A 320 42.72 -12.65 -18.36
C PRO A 320 43.31 -11.46 -17.60
N CYS A 321 43.85 -10.51 -18.36
CA CYS A 321 44.43 -9.29 -17.79
C CYS A 321 43.74 -8.09 -18.42
N ILE A 322 43.14 -7.23 -17.58
CA ILE A 322 42.44 -6.04 -18.03
C ILE A 322 43.39 -4.84 -18.09
N PHE A 323 43.30 -4.03 -19.14
CA PHE A 323 44.16 -2.86 -19.31
C PHE A 323 43.54 -1.60 -18.71
N TYR A 324 44.33 -0.89 -17.90
CA TYR A 324 43.86 0.32 -17.23
C TYR A 324 42.98 1.25 -18.06
N ASP A 325 43.46 1.67 -19.22
CA ASP A 325 42.71 2.60 -20.07
C ASP A 325 41.28 2.19 -20.41
N HIS A 326 41.10 0.93 -20.80
CA HIS A 326 39.78 0.43 -21.18
C HIS A 326 38.77 0.47 -20.03
N PHE A 327 39.26 0.33 -18.81
CA PHE A 327 38.42 0.31 -17.60
C PHE A 327 38.09 1.68 -17.00
N PHE A 328 39.09 2.54 -16.88
CA PHE A 328 38.90 3.86 -16.27
C PHE A 328 38.80 5.07 -17.20
N ASN A 329 39.38 4.98 -18.39
CA ASN A 329 39.34 6.09 -19.34
C ASN A 329 38.26 5.89 -20.39
N TRP A 330 38.30 4.76 -21.10
CA TRP A 330 37.27 4.44 -22.08
C TRP A 330 36.02 4.18 -21.23
N GLY A 331 34.85 4.14 -21.84
CA GLY A 331 33.64 3.92 -21.06
C GLY A 331 33.20 2.48 -20.84
N PHE A 332 34.16 1.56 -20.73
CA PHE A 332 33.81 0.14 -20.54
C PHE A 332 33.84 -0.42 -19.11
N LYS A 333 33.91 0.45 -18.10
CA LYS A 333 33.98 -0.03 -16.73
C LYS A 333 32.86 -1.01 -16.36
N ASP A 334 31.62 -0.59 -16.52
CA ASP A 334 30.49 -1.44 -16.19
C ASP A 334 30.44 -2.71 -17.01
N GLN A 335 30.68 -2.60 -18.32
CA GLN A 335 30.65 -3.77 -19.18
C GLN A 335 31.73 -4.79 -18.81
N ILE A 336 32.91 -4.31 -18.46
CA ILE A 336 34.00 -5.21 -18.09
C ILE A 336 33.72 -5.86 -16.74
N ALA A 337 33.23 -5.08 -15.79
CA ALA A 337 32.92 -5.61 -14.46
C ALA A 337 31.82 -6.67 -14.55
N ALA A 338 30.87 -6.48 -15.44
CA ALA A 338 29.77 -7.44 -15.61
C ALA A 338 30.29 -8.77 -16.13
N LEU A 339 31.29 -8.72 -17.00
CA LEU A 339 31.86 -9.94 -17.57
C LEU A 339 32.66 -10.69 -16.51
N VAL A 340 33.41 -9.96 -15.69
CA VAL A 340 34.19 -10.62 -14.63
C VAL A 340 33.22 -11.24 -13.63
N ALA A 341 32.09 -10.59 -13.40
CA ALA A 341 31.10 -11.10 -12.46
C ALA A 341 30.56 -12.45 -12.94
N ILE A 342 30.37 -12.58 -14.25
CA ILE A 342 29.87 -13.83 -14.83
C ILE A 342 30.94 -14.91 -14.64
N ARG A 343 32.20 -14.52 -14.86
CA ARG A 343 33.31 -15.44 -14.71
C ARG A 343 33.36 -15.97 -13.28
N LYS A 344 33.27 -15.07 -12.31
CA LYS A 344 33.34 -15.45 -10.91
C LYS A 344 32.14 -16.26 -10.45
N ARG A 345 30.95 -15.77 -10.78
CA ARG A 345 29.71 -16.43 -10.39
C ARG A 345 29.64 -17.88 -10.86
N ASN A 346 30.18 -18.16 -12.04
CA ASN A 346 30.16 -19.51 -12.59
C ASN A 346 31.42 -20.33 -12.31
N GLY A 347 32.26 -19.83 -11.41
CA GLY A 347 33.47 -20.55 -11.04
C GLY A 347 34.43 -20.85 -12.17
N ILE A 348 34.45 -19.99 -13.19
CA ILE A 348 35.35 -20.18 -14.31
C ILE A 348 36.77 -19.82 -13.90
N THR A 349 37.71 -20.69 -14.23
CA THR A 349 39.12 -20.46 -13.90
C THR A 349 40.01 -20.73 -15.12
N ALA A 350 41.31 -20.60 -14.93
CA ALA A 350 42.28 -20.80 -16.00
C ALA A 350 42.17 -22.14 -16.72
N THR A 351 41.78 -23.19 -16.01
CA THR A 351 41.68 -24.52 -16.63
C THR A 351 40.27 -24.96 -17.04
N SER A 352 39.31 -24.05 -17.04
CA SER A 352 37.94 -24.39 -17.42
C SER A 352 37.90 -24.98 -18.84
N ALA A 353 36.99 -25.92 -19.06
CA ALA A 353 36.85 -26.57 -20.36
C ALA A 353 36.24 -25.65 -21.41
N LEU A 354 36.76 -25.74 -22.64
CA LEU A 354 36.29 -24.91 -23.74
C LEU A 354 35.71 -25.74 -24.88
N LYS A 355 34.44 -25.50 -25.19
CA LYS A 355 33.76 -26.20 -26.27
C LYS A 355 33.31 -25.16 -27.29
N ILE A 356 33.97 -25.13 -28.44
CA ILE A 356 33.64 -24.16 -29.48
C ILE A 356 32.48 -24.69 -30.34
N LEU A 357 31.39 -23.91 -30.36
CA LEU A 357 30.18 -24.27 -31.08
C LEU A 357 30.06 -23.71 -32.50
N MET A 358 30.78 -22.63 -32.76
CA MET A 358 30.75 -21.99 -34.08
C MET A 358 32.01 -21.17 -34.27
N HIS A 359 32.63 -21.29 -35.44
CA HIS A 359 33.84 -20.56 -35.75
C HIS A 359 33.87 -20.12 -37.21
N GLU A 360 32.90 -19.30 -37.58
CA GLU A 360 32.81 -18.77 -38.93
C GLU A 360 33.35 -17.36 -38.96
N GLY A 361 33.62 -16.83 -40.14
CA GLY A 361 34.18 -15.50 -40.26
C GLY A 361 33.48 -14.41 -39.47
N ASP A 362 32.15 -14.39 -39.51
CA ASP A 362 31.38 -13.37 -38.82
C ASP A 362 30.80 -13.78 -37.47
N ALA A 363 31.18 -14.96 -36.97
CA ALA A 363 30.66 -15.41 -35.69
C ALA A 363 31.44 -16.52 -35.01
N TYR A 364 31.76 -16.30 -33.74
CA TYR A 364 32.46 -17.26 -32.90
C TYR A 364 31.58 -17.47 -31.68
N VAL A 365 31.25 -18.72 -31.39
CA VAL A 365 30.42 -19.02 -30.23
C VAL A 365 31.07 -20.16 -29.48
N ALA A 366 31.24 -20.00 -28.18
CA ALA A 366 31.87 -21.03 -27.36
C ALA A 366 31.16 -21.23 -26.02
N GLU A 367 31.27 -22.44 -25.50
CA GLU A 367 30.67 -22.80 -24.23
C GLU A 367 31.80 -23.14 -23.26
N ILE A 368 31.77 -22.55 -22.07
CA ILE A 368 32.80 -22.77 -21.07
C ILE A 368 32.24 -23.52 -19.86
N ASP A 369 32.92 -24.61 -19.48
CA ASP A 369 32.52 -25.47 -18.35
C ASP A 369 31.05 -25.88 -18.41
N GLY A 370 30.51 -25.88 -19.63
CA GLY A 370 29.12 -26.25 -19.82
C GLY A 370 28.18 -25.37 -19.00
N LYS A 371 28.64 -24.17 -18.65
CA LYS A 371 27.83 -23.27 -17.84
C LYS A 371 27.69 -21.85 -18.39
N VAL A 372 28.58 -21.47 -19.30
CA VAL A 372 28.55 -20.13 -19.87
C VAL A 372 28.76 -20.19 -21.38
N VAL A 373 28.00 -19.39 -22.11
CA VAL A 373 28.12 -19.33 -23.56
C VAL A 373 28.42 -17.89 -23.96
N VAL A 374 29.39 -17.72 -24.86
CA VAL A 374 29.77 -16.40 -25.33
C VAL A 374 29.81 -16.37 -26.85
N LYS A 375 29.44 -15.21 -27.40
CA LYS A 375 29.41 -15.01 -28.83
C LYS A 375 29.99 -13.65 -29.18
N ILE A 376 30.82 -13.61 -30.21
CA ILE A 376 31.37 -12.34 -30.69
C ILE A 376 31.30 -12.37 -32.21
N GLY A 377 31.27 -11.19 -32.81
CA GLY A 377 31.20 -11.11 -34.27
C GLY A 377 30.06 -10.24 -34.73
N PRO A 378 30.08 -9.79 -36.00
CA PRO A 378 29.05 -8.93 -36.58
C PRO A 378 27.72 -9.63 -36.88
N ARG A 379 27.74 -10.96 -36.98
CA ARG A 379 26.51 -11.68 -37.26
C ARG A 379 25.63 -11.58 -36.03
N TYR A 380 24.48 -10.95 -36.16
CA TYR A 380 23.58 -10.78 -35.02
C TYR A 380 22.93 -12.06 -34.50
N ASP A 381 22.33 -12.84 -35.40
CA ASP A 381 21.62 -14.05 -34.99
C ASP A 381 22.40 -15.35 -34.93
N VAL A 382 22.52 -15.91 -33.72
CA VAL A 382 23.21 -17.18 -33.49
C VAL A 382 22.32 -18.03 -32.59
N GLY A 383 21.08 -17.60 -32.42
CA GLY A 383 20.14 -18.32 -31.58
C GLY A 383 20.06 -19.81 -31.81
N ALA A 384 20.19 -20.24 -33.06
CA ALA A 384 20.12 -21.65 -33.40
C ALA A 384 21.24 -22.48 -32.78
N VAL A 385 22.34 -21.84 -32.41
CA VAL A 385 23.46 -22.58 -31.84
C VAL A 385 23.53 -22.55 -30.31
N ILE A 386 22.69 -21.73 -29.69
CA ILE A 386 22.68 -21.64 -28.23
C ILE A 386 21.92 -22.81 -27.62
N PRO A 387 22.61 -23.63 -26.79
CA PRO A 387 21.98 -24.78 -26.14
C PRO A 387 20.74 -24.39 -25.34
N ALA A 388 19.85 -25.35 -25.11
CA ALA A 388 18.63 -25.09 -24.35
C ALA A 388 18.94 -24.75 -22.89
N GLY A 389 18.16 -23.83 -22.33
CA GLY A 389 18.35 -23.46 -20.94
C GLY A 389 19.15 -22.19 -20.70
N PHE A 390 19.92 -21.76 -21.70
CA PHE A 390 20.73 -20.56 -21.55
C PHE A 390 19.94 -19.28 -21.81
N VAL A 391 20.20 -18.27 -20.98
CA VAL A 391 19.53 -16.98 -21.12
C VAL A 391 20.59 -15.87 -21.14
N THR A 392 20.36 -14.87 -21.98
N THR A 392 20.36 -14.86 -21.98
CA THR A 392 21.30 -13.75 -22.11
CA THR A 392 21.29 -13.76 -22.11
C THR A 392 21.53 -13.06 -20.77
C THR A 392 21.52 -13.06 -20.76
N SER A 393 22.79 -12.87 -20.41
CA SER A 393 23.16 -12.24 -19.15
C SER A 393 23.77 -10.86 -19.39
N ALA A 394 24.64 -10.77 -20.38
CA ALA A 394 25.29 -9.51 -20.72
C ALA A 394 25.45 -9.43 -22.23
N HIS A 395 25.41 -8.21 -22.76
CA HIS A 395 25.57 -8.02 -24.20
C HIS A 395 25.96 -6.59 -24.52
N GLY A 396 26.57 -6.42 -25.70
CA GLY A 396 27.00 -5.11 -26.13
C GLY A 396 27.28 -5.16 -27.61
N ASN A 397 28.11 -4.24 -28.10
CA ASN A 397 28.42 -4.20 -29.51
C ASN A 397 29.13 -5.45 -29.99
N ASP A 398 28.41 -6.24 -30.79
CA ASP A 398 28.91 -7.47 -31.36
C ASP A 398 29.39 -8.55 -30.38
N TYR A 399 28.73 -8.64 -29.22
CA TYR A 399 29.05 -9.68 -28.25
C TYR A 399 27.85 -9.91 -27.33
N ALA A 400 27.75 -11.13 -26.81
CA ALA A 400 26.68 -11.50 -25.90
C ALA A 400 27.17 -12.69 -25.09
N VAL A 401 26.66 -12.80 -23.86
CA VAL A 401 27.03 -13.88 -22.97
C VAL A 401 25.76 -14.44 -22.34
N TRP A 402 25.66 -15.76 -22.26
CA TRP A 402 24.50 -16.45 -21.68
C TRP A 402 24.90 -17.23 -20.44
N GLU A 403 23.93 -17.43 -19.54
CA GLU A 403 24.12 -18.22 -18.31
C GLU A 403 22.84 -19.03 -18.15
N LYS A 404 22.79 -19.84 -17.09
CA LYS A 404 21.60 -20.63 -16.82
C LYS A 404 20.80 -19.94 -15.71
N HIS B 1 -18.60 2.63 22.48
CA HIS B 1 -18.59 2.88 23.95
C HIS B 1 -20.02 3.06 24.46
N GLN B 2 -20.37 2.30 25.49
CA GLN B 2 -21.69 2.39 26.06
C GLN B 2 -21.67 2.00 27.54
N VAL B 3 -22.13 2.93 28.37
CA VAL B 3 -22.19 2.72 29.81
C VAL B 3 -23.47 3.34 30.35
N LEU B 4 -24.28 2.54 31.03
CA LEU B 4 -25.53 3.01 31.59
C LEU B 4 -25.37 3.47 33.02
N PHE B 5 -26.32 4.25 33.49
CA PHE B 5 -26.28 4.76 34.84
C PHE B 5 -27.73 4.87 35.33
N GLN B 6 -28.03 4.21 36.45
CA GLN B 6 -29.38 4.30 37.00
C GLN B 6 -29.37 5.56 37.86
N GLY B 7 -30.07 6.58 37.38
CA GLY B 7 -30.11 7.86 38.08
C GLY B 7 -31.16 8.07 39.15
N PHE B 8 -31.38 7.07 39.99
CA PHE B 8 -32.34 7.18 41.09
C PHE B 8 -32.28 5.94 41.97
N ASN B 9 -32.87 6.02 43.15
CA ASN B 9 -32.93 4.88 44.06
C ASN B 9 -34.35 4.82 44.64
N TRP B 10 -34.58 3.93 45.59
CA TRP B 10 -35.92 3.79 46.15
C TRP B 10 -36.38 4.95 47.03
N GLU B 11 -35.44 5.79 47.45
CA GLU B 11 -35.73 6.94 48.31
C GLU B 11 -35.81 8.27 47.54
N SER B 12 -35.46 8.23 46.26
CA SER B 12 -35.43 9.45 45.45
C SER B 12 -36.67 10.34 45.45
N TRP B 13 -37.85 9.76 45.54
CA TRP B 13 -39.07 10.58 45.52
C TRP B 13 -39.14 11.54 46.69
N LYS B 14 -38.43 11.22 47.77
CA LYS B 14 -38.43 12.04 48.99
C LYS B 14 -37.47 13.23 48.95
N GLN B 15 -36.58 13.25 47.97
CA GLN B 15 -35.59 14.32 47.86
C GLN B 15 -36.16 15.74 48.02
N SER B 16 -35.60 16.48 48.99
CA SER B 16 -36.03 17.85 49.24
C SER B 16 -35.82 18.70 47.99
N GLY B 17 -36.87 19.40 47.56
CA GLY B 17 -36.76 20.24 46.38
C GLY B 17 -36.97 19.53 45.06
N GLY B 18 -37.15 18.21 45.11
CA GLY B 18 -37.36 17.44 43.89
C GLY B 18 -36.12 16.73 43.39
N TRP B 19 -36.28 15.46 42.99
CA TRP B 19 -35.16 14.67 42.50
C TRP B 19 -34.55 15.20 41.20
N TYR B 20 -35.39 15.58 40.24
CA TYR B 20 -34.85 16.07 38.98
C TYR B 20 -34.02 17.33 39.22
N ASN B 21 -34.51 18.20 40.09
CA ASN B 21 -33.80 19.44 40.40
C ASN B 21 -32.43 19.13 41.00
N MET B 22 -32.38 18.11 41.85
N MET B 22 -32.38 18.11 41.85
CA MET B 22 -31.13 17.72 42.49
CA MET B 22 -31.12 17.71 42.48
C MET B 22 -30.18 17.11 41.45
C MET B 22 -30.18 17.14 41.44
N MET B 23 -30.72 16.33 40.53
CA MET B 23 -29.92 15.70 39.48
C MET B 23 -29.25 16.71 38.56
N MET B 24 -29.82 17.90 38.43
CA MET B 24 -29.22 18.92 37.57
C MET B 24 -27.78 19.16 38.00
N GLY B 25 -27.52 19.09 39.29
CA GLY B 25 -26.19 19.31 39.81
C GLY B 25 -25.30 18.08 39.77
N LYS B 26 -25.79 17.01 39.15
CA LYS B 26 -25.04 15.77 39.04
C LYS B 26 -24.70 15.44 37.59
N VAL B 27 -25.32 16.16 36.66
CA VAL B 27 -25.10 15.95 35.23
C VAL B 27 -23.65 16.01 34.76
N ASP B 28 -22.90 17.02 35.22
CA ASP B 28 -21.51 17.17 34.81
C ASP B 28 -20.63 15.98 35.21
N ASP B 29 -20.74 15.55 36.45
CA ASP B 29 -19.92 14.43 36.92
C ASP B 29 -20.30 13.14 36.20
N ILE B 30 -21.59 12.97 35.92
CA ILE B 30 -22.07 11.77 35.25
C ILE B 30 -21.51 11.71 33.83
N ALA B 31 -21.60 12.82 33.11
CA ALA B 31 -21.09 12.88 31.74
C ALA B 31 -19.57 12.75 31.71
N ALA B 32 -18.91 13.44 32.63
CA ALA B 32 -17.45 13.41 32.69
C ALA B 32 -16.91 12.04 33.07
N ALA B 33 -17.75 11.22 33.71
CA ALA B 33 -17.33 9.88 34.10
C ALA B 33 -17.36 8.90 32.94
N GLY B 34 -17.95 9.34 31.81
CA GLY B 34 -18.02 8.47 30.65
C GLY B 34 -19.35 7.75 30.45
N VAL B 35 -20.38 8.19 31.17
CA VAL B 35 -21.70 7.58 31.05
C VAL B 35 -22.36 8.01 29.73
N THR B 36 -23.03 7.07 29.06
CA THR B 36 -23.67 7.38 27.79
C THR B 36 -25.20 7.42 27.86
N HIS B 37 -25.77 6.73 28.85
CA HIS B 37 -27.24 6.71 29.02
C HIS B 37 -27.62 6.75 30.49
N VAL B 38 -28.61 7.57 30.83
CA VAL B 38 -29.07 7.66 32.21
C VAL B 38 -30.51 7.18 32.31
N TRP B 39 -30.73 6.20 33.18
CA TRP B 39 -32.04 5.62 33.41
C TRP B 39 -32.75 6.44 34.49
N LEU B 40 -33.88 7.04 34.11
CA LEU B 40 -34.71 7.88 35.00
C LEU B 40 -35.97 7.10 35.38
N PRO B 41 -36.54 7.39 36.57
CA PRO B 41 -37.73 6.73 37.09
C PRO B 41 -39.04 6.98 36.33
N PRO B 42 -40.10 6.20 36.61
CA PRO B 42 -41.39 6.37 35.95
C PRO B 42 -41.78 7.83 36.15
N PRO B 43 -41.99 8.57 35.06
CA PRO B 43 -42.34 9.99 35.14
C PRO B 43 -43.80 10.44 35.31
N SER B 44 -44.74 9.51 35.22
CA SER B 44 -46.15 9.86 35.32
C SER B 44 -46.76 9.80 36.71
N HIS B 45 -47.96 10.36 36.82
CA HIS B 45 -48.72 10.33 38.05
C HIS B 45 -48.82 8.86 38.43
N SER B 46 -48.65 8.58 39.71
CA SER B 46 -48.70 7.21 40.22
C SER B 46 -49.39 7.19 41.58
N VAL B 47 -50.15 6.14 41.86
CA VAL B 47 -50.83 6.03 43.13
C VAL B 47 -49.79 5.79 44.21
N SER B 48 -48.69 5.14 43.83
CA SER B 48 -47.59 4.87 44.75
C SER B 48 -46.53 5.95 44.52
N ASN B 49 -45.88 6.36 45.60
CA ASN B 49 -44.88 7.43 45.52
C ASN B 49 -43.71 7.20 44.56
N GLU B 50 -43.23 5.95 44.48
CA GLU B 50 -42.09 5.63 43.63
C GLU B 50 -42.38 5.65 42.14
N GLY B 51 -43.66 5.70 41.77
CA GLY B 51 -44.04 5.76 40.37
C GLY B 51 -44.44 4.47 39.69
N TYR B 52 -44.35 3.35 40.40
CA TYR B 52 -44.67 2.06 39.79
C TYR B 52 -46.13 1.62 39.76
N MET B 53 -47.04 2.55 40.02
CA MET B 53 -48.47 2.28 39.96
C MET B 53 -49.07 3.48 39.22
N PRO B 54 -48.64 3.67 37.96
CA PRO B 54 -49.08 4.77 37.10
C PRO B 54 -50.58 4.81 36.82
N GLY B 55 -51.11 6.03 36.73
CA GLY B 55 -52.51 6.23 36.44
C GLY B 55 -52.64 7.09 35.20
N ARG B 56 -52.63 8.41 35.39
CA ARG B 56 -52.73 9.34 34.27
C ARG B 56 -51.34 9.46 33.64
N LEU B 57 -51.08 8.60 32.65
CA LEU B 57 -49.78 8.57 31.99
C LEU B 57 -49.28 9.89 31.39
N TYR B 58 -50.18 10.75 30.95
CA TYR B 58 -49.78 12.03 30.38
C TYR B 58 -49.56 13.12 31.44
N ASP B 59 -49.98 12.83 32.67
CA ASP B 59 -49.84 13.79 33.77
C ASP B 59 -48.47 13.67 34.42
N ILE B 60 -47.47 14.26 33.78
CA ILE B 60 -46.09 14.25 34.27
C ILE B 60 -45.95 15.21 35.44
N ASP B 61 -46.70 16.31 35.41
CA ASP B 61 -46.65 17.31 36.48
C ASP B 61 -47.01 16.76 37.85
N ALA B 62 -47.68 15.61 37.90
CA ALA B 62 -48.10 15.03 39.17
C ALA B 62 -47.09 14.12 39.84
N SER B 63 -45.96 13.88 39.18
CA SER B 63 -44.94 12.99 39.75
C SER B 63 -44.25 13.55 40.99
N LYS B 64 -43.87 12.66 41.90
CA LYS B 64 -43.18 13.08 43.12
C LYS B 64 -41.73 13.45 42.79
N TYR B 65 -41.24 13.00 41.63
CA TYR B 65 -39.87 13.29 41.23
C TYR B 65 -39.71 14.70 40.69
N GLY B 66 -40.81 15.28 40.20
CA GLY B 66 -40.77 16.62 39.66
C GLY B 66 -41.77 16.76 38.52
N ASN B 67 -42.05 17.99 38.11
CA ASN B 67 -43.00 18.20 37.02
C ASN B 67 -42.34 18.12 35.65
N ALA B 68 -43.14 18.28 34.61
CA ALA B 68 -42.64 18.20 33.23
C ALA B 68 -41.52 19.19 32.92
N ALA B 69 -41.65 20.41 33.39
CA ALA B 69 -40.63 21.42 33.13
C ALA B 69 -39.30 21.01 33.74
N GLU B 70 -39.35 20.51 34.97
CA GLU B 70 -38.15 20.07 35.67
C GLU B 70 -37.51 18.86 34.99
N LEU B 71 -38.35 17.94 34.52
CA LEU B 71 -37.86 16.75 33.83
C LEU B 71 -37.25 17.13 32.49
N LYS B 72 -37.90 18.01 31.75
CA LYS B 72 -37.38 18.42 30.45
C LYS B 72 -36.05 19.16 30.58
N SER B 73 -35.86 19.90 31.68
CA SER B 73 -34.61 20.61 31.87
C SER B 73 -33.48 19.62 32.13
N LEU B 74 -33.76 18.56 32.89
CA LEU B 74 -32.77 17.55 33.18
C LEU B 74 -32.41 16.77 31.92
N ILE B 75 -33.40 16.36 31.17
CA ILE B 75 -33.14 15.62 29.93
C ILE B 75 -32.36 16.52 28.98
N GLY B 76 -32.73 17.79 28.95
CA GLY B 76 -32.03 18.74 28.08
C GLY B 76 -30.57 18.89 28.49
N ALA B 77 -30.32 18.93 29.80
CA ALA B 77 -28.96 19.07 30.32
C ALA B 77 -28.14 17.85 29.92
N LEU B 78 -28.70 16.67 30.10
CA LEU B 78 -28.01 15.43 29.75
C LEU B 78 -27.66 15.42 28.27
N HIS B 79 -28.63 15.76 27.42
CA HIS B 79 -28.42 15.80 25.98
C HIS B 79 -27.30 16.79 25.62
N GLY B 80 -27.25 17.89 26.36
CA GLY B 80 -26.24 18.90 26.12
C GLY B 80 -24.83 18.35 26.31
N LYS B 81 -24.73 17.28 27.09
CA LYS B 81 -23.44 16.64 27.36
C LYS B 81 -23.27 15.37 26.54
N GLY B 82 -24.20 15.13 25.62
CA GLY B 82 -24.14 13.95 24.77
C GLY B 82 -24.61 12.67 25.44
N VAL B 83 -25.36 12.82 26.54
CA VAL B 83 -25.88 11.66 27.26
C VAL B 83 -27.36 11.47 26.98
N GLN B 84 -27.76 10.23 26.67
CA GLN B 84 -29.15 9.93 26.37
C GLN B 84 -29.96 9.67 27.65
N ALA B 85 -31.28 9.73 27.53
CA ALA B 85 -32.18 9.50 28.66
C ALA B 85 -33.06 8.28 28.44
N ILE B 86 -33.07 7.39 29.42
CA ILE B 86 -33.88 6.18 29.36
C ILE B 86 -35.02 6.36 30.34
N ALA B 87 -36.25 6.13 29.88
CA ALA B 87 -37.43 6.27 30.74
C ALA B 87 -37.86 4.90 31.25
N ASP B 88 -38.24 4.83 32.52
CA ASP B 88 -38.70 3.59 33.12
C ASP B 88 -40.15 3.47 32.68
N ILE B 89 -40.42 2.52 31.79
CA ILE B 89 -41.75 2.29 31.26
C ILE B 89 -42.51 1.21 32.00
N VAL B 90 -43.55 1.62 32.72
CA VAL B 90 -44.38 0.72 33.52
C VAL B 90 -45.73 0.54 32.82
N ILE B 91 -45.89 -0.53 32.05
CA ILE B 91 -47.14 -0.78 31.34
C ILE B 91 -47.81 -2.13 31.57
N ASN B 92 -47.29 -2.94 32.47
CA ASN B 92 -47.94 -4.22 32.73
C ASN B 92 -49.29 -3.97 33.40
N HIS B 93 -49.28 -3.02 34.32
CA HIS B 93 -50.48 -2.66 35.06
C HIS B 93 -50.68 -1.16 35.08
N ARG B 94 -51.87 -0.74 35.52
CA ARG B 94 -52.21 0.67 35.56
C ARG B 94 -53.38 0.88 36.52
N CYS B 95 -53.37 2.01 37.22
CA CYS B 95 -54.45 2.33 38.15
C CYS B 95 -55.49 3.22 37.48
N ALA B 96 -56.76 2.94 37.74
CA ALA B 96 -57.86 3.72 37.17
C ALA B 96 -58.32 4.79 38.15
N ASP B 97 -58.43 6.03 37.66
CA ASP B 97 -58.83 7.17 38.48
C ASP B 97 -60.23 7.10 39.06
N TYR B 98 -61.18 6.56 38.30
CA TYR B 98 -62.57 6.53 38.75
C TYR B 98 -63.24 5.16 38.88
N LYS B 99 -64.31 5.12 39.66
N LYS B 99 -64.31 5.12 39.66
CA LYS B 99 -65.07 3.89 39.88
CA LYS B 99 -65.07 3.88 39.87
C LYS B 99 -66.22 3.79 38.90
C LYS B 99 -66.19 3.79 38.85
N ASP B 100 -66.59 2.57 38.53
CA ASP B 100 -67.69 2.35 37.58
C ASP B 100 -68.96 2.10 38.38
N SER B 101 -70.02 1.67 37.72
CA SER B 101 -71.29 1.42 38.41
C SER B 101 -71.18 0.29 39.42
N ARG B 102 -70.11 -0.51 39.32
CA ARG B 102 -69.89 -1.63 40.24
C ARG B 102 -69.11 -1.18 41.47
N GLY B 103 -68.63 0.06 41.45
CA GLY B 103 -67.85 0.57 42.58
C GLY B 103 -66.40 0.14 42.48
N ILE B 104 -66.02 -0.36 41.31
CA ILE B 104 -64.65 -0.83 41.07
C ILE B 104 -63.83 0.21 40.31
N TYR B 105 -62.59 0.42 40.74
CA TYR B 105 -61.71 1.37 40.08
C TYR B 105 -61.25 0.78 38.76
N CYS B 106 -62.01 1.04 37.69
CA CYS B 106 -61.66 0.52 36.38
C CYS B 106 -61.94 1.50 35.25
N ILE B 107 -62.24 2.75 35.61
CA ILE B 107 -62.49 3.80 34.62
C ILE B 107 -61.23 4.65 34.65
N PHE B 108 -60.42 4.56 33.60
CA PHE B 108 -59.16 5.29 33.52
C PHE B 108 -59.23 6.69 32.96
N GLU B 109 -58.16 7.45 33.20
CA GLU B 109 -58.01 8.82 32.72
C GLU B 109 -56.56 9.01 32.28
N GLY B 110 -56.37 9.42 31.03
CA GLY B 110 -55.04 9.60 30.49
C GLY B 110 -54.31 10.84 30.94
N GLY B 111 -55.06 11.88 31.32
CA GLY B 111 -54.43 13.11 31.77
C GLY B 111 -54.57 14.22 30.75
N THR B 112 -55.35 13.98 29.69
CA THR B 112 -55.57 15.00 28.68
C THR B 112 -57.07 15.27 28.58
N SER B 113 -57.42 16.41 27.99
CA SER B 113 -58.83 16.78 27.85
C SER B 113 -59.62 15.80 27.00
N ASP B 114 -58.98 15.19 26.01
CA ASP B 114 -59.68 14.23 25.15
C ASP B 114 -59.69 12.82 25.74
N GLY B 115 -60.09 11.84 24.92
CA GLY B 115 -60.19 10.47 25.39
C GLY B 115 -58.94 9.60 25.39
N ARG B 116 -57.79 10.17 25.03
CA ARG B 116 -56.54 9.40 25.02
C ARG B 116 -56.32 8.66 26.33
N LEU B 117 -56.24 7.33 26.26
CA LEU B 117 -56.01 6.48 27.43
C LEU B 117 -57.16 6.46 28.44
N ASP B 118 -58.32 7.00 28.07
CA ASP B 118 -59.47 6.98 28.97
C ASP B 118 -60.16 5.63 28.83
N TRP B 119 -59.45 4.56 29.16
CA TRP B 119 -59.96 3.20 29.04
C TRP B 119 -61.01 2.82 30.08
N GLY B 120 -61.51 1.58 29.94
CA GLY B 120 -62.50 1.04 30.86
C GLY B 120 -62.16 -0.40 31.18
N PRO B 121 -63.07 -1.15 31.83
CA PRO B 121 -62.86 -2.56 32.21
C PRO B 121 -62.50 -3.46 31.03
N HIS B 122 -62.90 -3.07 29.83
CA HIS B 122 -62.62 -3.86 28.63
C HIS B 122 -61.13 -3.93 28.32
N MET B 123 -60.36 -2.99 28.85
CA MET B 123 -58.92 -2.96 28.62
C MET B 123 -58.12 -3.65 29.73
N ILE B 124 -58.82 -4.30 30.64
CA ILE B 124 -58.18 -5.01 31.75
C ILE B 124 -58.29 -6.51 31.49
N CYS B 125 -57.15 -7.21 31.54
CA CYS B 125 -57.12 -8.65 31.32
C CYS B 125 -58.30 -9.28 32.04
N ARG B 126 -59.14 -10.02 31.31
CA ARG B 126 -60.31 -10.59 31.94
C ARG B 126 -60.01 -11.55 33.08
N ASP B 127 -58.85 -12.20 33.06
CA ASP B 127 -58.52 -13.12 34.15
C ASP B 127 -58.07 -12.41 35.42
N ASP B 128 -58.00 -11.08 35.37
CA ASP B 128 -57.67 -10.29 36.55
C ASP B 128 -59.08 -9.95 37.05
N THR B 129 -59.77 -10.98 37.56
CA THR B 129 -61.16 -10.86 38.02
C THR B 129 -61.44 -9.80 39.08
N LYS B 130 -60.41 -9.34 39.77
CA LYS B 130 -60.59 -8.31 40.79
C LYS B 130 -61.02 -6.98 40.17
N TYR B 131 -60.65 -6.76 38.92
CA TYR B 131 -60.97 -5.50 38.24
C TYR B 131 -61.72 -5.58 36.92
N SER B 132 -61.53 -6.66 36.18
CA SER B 132 -62.15 -6.79 34.86
C SER B 132 -63.67 -6.98 34.86
N ASP B 133 -64.24 -6.90 33.67
CA ASP B 133 -65.68 -7.10 33.49
C ASP B 133 -65.86 -8.37 32.66
N GLY B 134 -64.78 -9.13 32.53
CA GLY B 134 -64.80 -10.39 31.79
C GLY B 134 -64.86 -10.34 30.28
N THR B 135 -64.69 -9.17 29.68
CA THR B 135 -64.78 -9.06 28.23
C THR B 135 -63.47 -9.01 27.45
N ALA B 136 -62.37 -8.70 28.14
CA ALA B 136 -61.08 -8.59 27.46
C ALA B 136 -60.43 -9.94 27.18
N ASN B 137 -59.24 -9.88 26.59
CA ASN B 137 -58.45 -11.07 26.29
C ASN B 137 -57.78 -11.46 27.60
N LEU B 138 -57.13 -12.63 27.61
CA LEU B 138 -56.43 -13.12 28.79
C LEU B 138 -55.05 -12.49 28.87
N ASP B 139 -54.51 -12.38 30.08
CA ASP B 139 -53.18 -11.80 30.30
C ASP B 139 -52.15 -12.63 29.54
N THR B 140 -51.21 -11.94 28.88
CA THR B 140 -50.17 -12.63 28.13
C THR B 140 -48.98 -12.95 29.02
N GLY B 141 -49.03 -12.45 30.25
CA GLY B 141 -47.95 -12.68 31.20
C GLY B 141 -48.44 -12.78 32.62
N ALA B 142 -47.54 -12.56 33.58
CA ALA B 142 -47.89 -12.63 34.99
C ALA B 142 -48.74 -11.45 35.44
N ASP B 143 -49.40 -11.63 36.57
CA ASP B 143 -50.26 -10.60 37.13
C ASP B 143 -49.60 -9.83 38.27
N PHE B 144 -50.01 -8.57 38.43
CA PHE B 144 -49.54 -7.71 39.50
C PHE B 144 -50.80 -7.55 40.35
N ALA B 145 -50.80 -8.16 41.53
CA ALA B 145 -51.97 -8.16 42.41
C ALA B 145 -52.52 -6.81 42.90
N ALA B 146 -51.65 -5.82 43.04
CA ALA B 146 -52.08 -4.52 43.56
C ALA B 146 -52.78 -3.58 42.58
N ALA B 147 -52.85 -3.94 41.31
CA ALA B 147 -53.49 -3.07 40.33
C ALA B 147 -53.98 -3.82 39.09
N PRO B 148 -54.87 -3.16 38.31
CA PRO B 148 -55.41 -3.78 37.10
C PRO B 148 -54.31 -4.12 36.09
N ASP B 149 -54.29 -5.34 35.58
CA ASP B 149 -53.31 -5.71 34.58
C ASP B 149 -53.91 -5.37 33.23
N ILE B 150 -53.14 -4.69 32.39
CA ILE B 150 -53.58 -4.24 31.08
C ILE B 150 -53.58 -5.31 29.99
N ASP B 151 -54.63 -5.31 29.18
CA ASP B 151 -54.77 -6.27 28.08
C ASP B 151 -54.04 -5.77 26.84
N HIS B 152 -52.77 -6.14 26.72
CA HIS B 152 -51.96 -5.69 25.61
C HIS B 152 -52.39 -6.26 24.26
N LEU B 153 -53.32 -7.21 24.26
CA LEU B 153 -53.81 -7.78 23.01
C LEU B 153 -54.91 -6.88 22.42
N ASN B 154 -55.39 -5.93 23.24
CA ASN B 154 -56.43 -5.01 22.78
C ASN B 154 -55.78 -4.01 21.82
N ASP B 155 -56.38 -3.83 20.65
CA ASP B 155 -55.84 -2.92 19.65
C ASP B 155 -55.75 -1.47 20.08
N ARG B 156 -56.76 -0.98 20.78
CA ARG B 156 -56.74 0.41 21.24
C ARG B 156 -55.62 0.60 22.25
N VAL B 157 -55.42 -0.38 23.12
CA VAL B 157 -54.35 -0.31 24.12
C VAL B 157 -53.01 -0.15 23.42
N GLN B 158 -52.74 -1.01 22.45
CA GLN B 158 -51.48 -0.96 21.71
C GLN B 158 -51.27 0.39 21.04
N ARG B 159 -52.29 0.85 20.33
CA ARG B 159 -52.22 2.13 19.63
C ARG B 159 -52.01 3.33 20.55
N GLU B 160 -52.81 3.43 21.61
CA GLU B 160 -52.69 4.56 22.52
C GLU B 160 -51.41 4.55 23.35
N LEU B 161 -50.92 3.37 23.71
CA LEU B 161 -49.67 3.30 24.49
C LEU B 161 -48.49 3.67 23.60
N LYS B 162 -48.53 3.24 22.34
CA LYS B 162 -47.46 3.58 21.42
C LYS B 162 -47.49 5.09 21.18
N GLU B 163 -48.69 5.65 21.14
CA GLU B 163 -48.85 7.10 20.94
C GLU B 163 -48.23 7.84 22.12
N TRP B 164 -48.50 7.34 23.32
CA TRP B 164 -47.96 7.94 24.54
C TRP B 164 -46.44 7.80 24.56
N LEU B 165 -45.93 6.63 24.19
CA LEU B 165 -44.49 6.41 24.17
C LEU B 165 -43.81 7.36 23.18
N LEU B 166 -44.42 7.55 22.02
CA LEU B 166 -43.85 8.45 21.02
C LEU B 166 -43.87 9.88 21.56
N TRP B 167 -44.85 10.19 22.38
CA TRP B 167 -44.97 11.52 22.98
C TRP B 167 -43.85 11.73 24.00
N LEU B 168 -43.49 10.67 24.72
CA LEU B 168 -42.41 10.78 25.70
C LEU B 168 -41.13 11.17 24.96
N LYS B 169 -40.99 10.68 23.74
CA LYS B 169 -39.82 10.98 22.93
C LYS B 169 -39.87 12.40 22.35
N SER B 170 -40.96 12.71 21.65
CA SER B 170 -41.11 14.02 21.01
C SER B 170 -41.30 15.20 21.96
N ASP B 171 -42.01 15.00 23.06
CA ASP B 171 -42.25 16.10 23.99
C ASP B 171 -41.22 16.23 25.11
N LEU B 172 -40.95 15.14 25.81
CA LEU B 172 -39.99 15.18 26.91
C LEU B 172 -38.54 15.00 26.47
N GLY B 173 -38.34 14.27 25.38
CA GLY B 173 -36.99 14.06 24.90
C GLY B 173 -36.34 12.72 25.22
N PHE B 174 -37.13 11.78 25.73
CA PHE B 174 -36.58 10.47 26.06
C PHE B 174 -36.07 9.77 24.80
N ASP B 175 -34.97 9.04 24.95
CA ASP B 175 -34.34 8.33 23.84
C ASP B 175 -34.55 6.82 23.84
N ALA B 176 -34.66 6.25 25.04
CA ALA B 176 -34.81 4.80 25.18
C ALA B 176 -35.70 4.38 26.35
N TRP B 177 -35.98 3.08 26.42
CA TRP B 177 -36.85 2.54 27.46
C TRP B 177 -36.22 1.48 28.35
N ARG B 178 -36.78 1.36 29.54
CA ARG B 178 -36.42 0.35 30.51
C ARG B 178 -37.80 -0.23 30.80
N LEU B 179 -38.02 -1.48 30.38
CA LEU B 179 -39.33 -2.10 30.56
C LEU B 179 -39.50 -2.77 31.92
N ASP B 180 -40.34 -2.16 32.75
CA ASP B 180 -40.64 -2.64 34.09
C ASP B 180 -41.46 -3.93 34.09
N PHE B 181 -41.09 -4.87 34.95
CA PHE B 181 -41.82 -6.14 35.10
C PHE B 181 -42.22 -6.73 33.75
N ALA B 182 -41.23 -7.00 32.91
CA ALA B 182 -41.45 -7.56 31.58
C ALA B 182 -42.03 -8.97 31.63
N ARG B 183 -41.98 -9.61 32.80
CA ARG B 183 -42.57 -10.94 32.93
C ARG B 183 -44.08 -10.79 33.02
N GLY B 184 -44.53 -9.53 33.10
CA GLY B 184 -45.95 -9.25 33.20
C GLY B 184 -46.70 -9.43 31.89
N TYR B 185 -45.96 -9.43 30.79
CA TYR B 185 -46.54 -9.64 29.47
C TYR B 185 -45.53 -10.38 28.62
N SER B 186 -45.99 -10.98 27.54
CA SER B 186 -45.11 -11.75 26.66
C SER B 186 -44.09 -10.90 25.91
N PRO B 187 -42.98 -11.52 25.49
CA PRO B 187 -41.96 -10.75 24.75
C PRO B 187 -42.57 -10.30 23.42
N GLU B 188 -43.57 -11.04 22.95
CA GLU B 188 -44.26 -10.70 21.70
C GLU B 188 -44.97 -9.37 21.87
N MET B 189 -45.50 -9.12 23.05
CA MET B 189 -46.19 -7.85 23.31
C MET B 189 -45.14 -6.75 23.49
N ALA B 190 -44.01 -7.08 24.10
CA ALA B 190 -42.95 -6.09 24.29
C ALA B 190 -42.48 -5.64 22.91
N LYS B 191 -42.42 -6.58 21.97
CA LYS B 191 -42.01 -6.31 20.61
C LYS B 191 -42.90 -5.25 19.95
N VAL B 192 -44.20 -5.32 20.25
CA VAL B 192 -45.13 -4.36 19.68
C VAL B 192 -44.72 -2.93 20.02
N TYR B 193 -44.37 -2.72 21.29
CA TYR B 193 -43.97 -1.39 21.74
C TYR B 193 -42.56 -0.98 21.35
N ILE B 194 -41.63 -1.92 21.33
CA ILE B 194 -40.26 -1.61 20.96
C ILE B 194 -40.19 -1.25 19.48
N ASP B 195 -40.74 -2.12 18.63
CA ASP B 195 -40.74 -1.88 17.19
C ASP B 195 -41.60 -0.68 16.82
N GLY B 196 -42.63 -0.41 17.63
CA GLY B 196 -43.51 0.70 17.33
C GLY B 196 -42.93 2.06 17.70
N THR B 197 -41.82 2.07 18.43
CA THR B 197 -41.22 3.33 18.85
C THR B 197 -39.76 3.51 18.48
N SER B 198 -39.16 2.48 17.90
CA SER B 198 -37.76 2.50 17.49
C SER B 198 -36.84 3.26 18.44
N PRO B 199 -36.72 2.79 19.70
CA PRO B 199 -35.86 3.44 20.69
C PRO B 199 -34.41 3.04 20.42
N SER B 200 -33.46 3.83 20.92
CA SER B 200 -32.06 3.50 20.70
C SER B 200 -31.78 2.15 21.36
N LEU B 201 -32.51 1.87 22.44
CA LEU B 201 -32.40 0.60 23.14
C LEU B 201 -33.61 0.45 24.05
N ALA B 202 -33.91 -0.79 24.42
CA ALA B 202 -35.03 -1.08 25.31
C ALA B 202 -34.58 -2.22 26.20
N VAL B 203 -34.10 -1.89 27.40
CA VAL B 203 -33.64 -2.90 28.33
C VAL B 203 -34.79 -3.32 29.23
N ALA B 204 -35.11 -4.61 29.18
CA ALA B 204 -36.23 -5.13 29.94
C ALA B 204 -35.85 -5.82 31.24
N GLU B 205 -36.69 -5.64 32.25
CA GLU B 205 -36.48 -6.29 33.54
C GLU B 205 -37.21 -7.64 33.46
N VAL B 206 -36.47 -8.69 33.12
CA VAL B 206 -37.03 -10.03 33.04
C VAL B 206 -36.33 -10.73 34.20
N TRP B 207 -37.00 -10.80 35.35
CA TRP B 207 -36.42 -11.38 36.55
C TRP B 207 -37.02 -12.71 36.98
N ASP B 208 -36.27 -13.79 36.78
CA ASP B 208 -36.71 -15.14 37.17
C ASP B 208 -35.93 -15.61 38.39
N ASN B 209 -36.53 -16.48 39.18
CA ASN B 209 -35.89 -17.01 40.38
C ASN B 209 -34.65 -17.81 40.00
N MET B 210 -33.60 -17.69 40.81
CA MET B 210 -32.36 -18.41 40.56
C MET B 210 -32.27 -19.62 41.49
N ALA B 211 -32.06 -20.80 40.90
CA ALA B 211 -31.96 -22.04 41.66
C ALA B 211 -30.78 -22.04 42.62
N THR B 212 -31.01 -22.49 43.85
CA THR B 212 -29.97 -22.53 44.87
C THR B 212 -29.85 -23.90 45.54
N GLY B 213 -28.87 -24.00 46.43
CA GLY B 213 -28.66 -25.24 47.16
C GLY B 213 -29.30 -25.11 48.53
N GLY B 214 -29.14 -26.13 49.36
CA GLY B 214 -29.72 -26.09 50.69
C GLY B 214 -29.20 -24.95 51.54
N ASP B 215 -27.98 -24.51 51.26
CA ASP B 215 -27.36 -23.42 52.02
C ASP B 215 -27.77 -22.04 51.50
N GLY B 216 -28.62 -22.02 50.48
CA GLY B 216 -29.07 -20.75 49.93
C GLY B 216 -28.16 -20.18 48.85
N LYS B 217 -27.01 -20.81 48.64
CA LYS B 217 -26.09 -20.34 47.61
C LYS B 217 -26.60 -20.77 46.24
N PRO B 218 -26.46 -19.90 45.23
CA PRO B 218 -26.93 -20.28 43.90
C PRO B 218 -26.13 -21.47 43.35
N ASN B 219 -26.76 -22.26 42.47
CA ASN B 219 -26.06 -23.39 41.87
C ASN B 219 -25.01 -22.86 40.91
N TYR B 220 -23.92 -23.60 40.76
CA TYR B 220 -22.86 -23.20 39.85
C TYR B 220 -23.39 -23.11 38.43
N ASP B 221 -24.16 -24.13 38.02
CA ASP B 221 -24.71 -24.16 36.68
C ASP B 221 -25.98 -23.33 36.58
N GLN B 222 -25.89 -22.16 35.95
CA GLN B 222 -27.04 -21.29 35.81
C GLN B 222 -27.47 -21.15 34.34
N ASP B 223 -27.15 -22.17 33.54
CA ASP B 223 -27.50 -22.14 32.12
C ASP B 223 -29.01 -21.99 31.87
N ALA B 224 -29.83 -22.65 32.67
CA ALA B 224 -31.27 -22.55 32.51
C ALA B 224 -31.73 -21.11 32.73
N HIS B 225 -31.12 -20.45 33.69
CA HIS B 225 -31.47 -19.07 34.03
C HIS B 225 -31.10 -18.10 32.90
N ARG B 226 -29.87 -18.19 32.38
CA ARG B 226 -29.52 -17.28 31.29
C ARG B 226 -30.21 -17.69 29.99
N GLN B 227 -30.55 -18.96 29.84
CA GLN B 227 -31.22 -19.41 28.63
C GLN B 227 -32.60 -18.74 28.56
N ASN B 228 -33.23 -18.58 29.72
CA ASN B 228 -34.53 -17.92 29.77
C ASN B 228 -34.40 -16.50 29.21
N LEU B 229 -33.31 -15.83 29.57
CA LEU B 229 -33.08 -14.47 29.13
C LEU B 229 -32.77 -14.38 27.63
N VAL B 230 -31.99 -15.33 27.13
CA VAL B 230 -31.66 -15.35 25.70
C VAL B 230 -32.95 -15.61 24.92
N ASN B 231 -33.79 -16.49 25.45
CA ASN B 231 -35.05 -16.84 24.82
C ASN B 231 -35.96 -15.62 24.69
N TRP B 232 -36.02 -14.80 25.75
CA TRP B 232 -36.84 -13.60 25.71
C TRP B 232 -36.35 -12.67 24.59
N VAL B 233 -35.05 -12.50 24.50
CA VAL B 233 -34.48 -11.63 23.47
C VAL B 233 -34.77 -12.18 22.07
N ASP B 234 -34.68 -13.49 21.89
CA ASP B 234 -34.99 -14.05 20.58
C ASP B 234 -36.44 -13.74 20.22
N LYS B 235 -37.33 -13.95 21.19
CA LYS B 235 -38.76 -13.72 20.97
C LYS B 235 -39.13 -12.27 20.72
N VAL B 236 -38.32 -11.33 21.20
CA VAL B 236 -38.63 -9.92 20.99
C VAL B 236 -38.13 -9.42 19.63
N GLY B 237 -37.29 -10.22 18.97
CA GLY B 237 -36.78 -9.82 17.68
C GLY B 237 -35.30 -10.07 17.46
N GLY B 238 -34.63 -10.53 18.51
CA GLY B 238 -33.20 -10.83 18.40
C GLY B 238 -32.29 -9.66 18.09
N ALA B 239 -31.26 -9.93 17.30
CA ALA B 239 -30.27 -8.92 16.93
C ALA B 239 -30.85 -7.71 16.22
N ALA B 240 -31.93 -7.91 15.49
CA ALA B 240 -32.56 -6.82 14.76
C ALA B 240 -33.32 -5.87 15.69
N SER B 241 -33.72 -6.38 16.84
CA SER B 241 -34.48 -5.60 17.81
C SER B 241 -33.60 -4.73 18.71
N ALA B 242 -34.17 -3.62 19.19
CA ALA B 242 -33.46 -2.73 20.09
C ALA B 242 -33.57 -3.29 21.50
N GLY B 243 -34.32 -4.38 21.64
CA GLY B 243 -34.50 -4.99 22.94
C GLY B 243 -33.30 -5.72 23.50
N MET B 244 -33.16 -5.64 24.82
CA MET B 244 -32.08 -6.31 25.53
C MET B 244 -32.56 -6.59 26.94
N VAL B 245 -31.75 -7.23 27.76
CA VAL B 245 -32.16 -7.57 29.11
C VAL B 245 -31.09 -7.31 30.18
N PHE B 246 -31.55 -7.09 31.42
CA PHE B 246 -30.62 -6.91 32.53
C PHE B 246 -30.08 -8.31 32.79
N ASP B 247 -28.77 -8.41 33.01
CA ASP B 247 -28.13 -9.69 33.25
C ASP B 247 -28.27 -10.13 34.72
N PHE B 248 -29.46 -10.58 35.08
CA PHE B 248 -29.71 -11.03 36.45
C PHE B 248 -28.91 -12.31 36.75
N THR B 249 -28.52 -13.03 35.71
CA THR B 249 -27.74 -14.25 35.91
C THR B 249 -26.37 -13.86 36.48
N THR B 250 -25.72 -12.90 35.85
CA THR B 250 -24.42 -12.44 36.32
C THR B 250 -24.55 -11.83 37.72
N LYS B 251 -25.66 -11.14 37.96
CA LYS B 251 -25.90 -10.53 39.27
C LYS B 251 -25.95 -11.59 40.37
N GLY B 252 -26.74 -12.63 40.17
CA GLY B 252 -26.85 -13.68 41.17
C GLY B 252 -25.55 -14.42 41.41
N ILE B 253 -24.83 -14.71 40.33
CA ILE B 253 -23.58 -15.43 40.42
C ILE B 253 -22.50 -14.59 41.10
N LEU B 254 -22.34 -13.36 40.64
CA LEU B 254 -21.33 -12.47 41.20
C LEU B 254 -21.59 -12.21 42.69
N ASN B 255 -22.86 -12.13 43.08
CA ASN B 255 -23.25 -11.92 44.49
C ASN B 255 -22.57 -12.97 45.37
N ALA B 256 -22.60 -14.22 44.89
CA ALA B 256 -22.02 -15.34 45.62
C ALA B 256 -20.52 -15.53 45.34
N ALA B 257 -20.12 -15.31 44.10
CA ALA B 257 -18.72 -15.48 43.70
C ALA B 257 -17.71 -14.72 44.56
N VAL B 258 -18.01 -13.47 44.89
CA VAL B 258 -17.09 -12.66 45.68
C VAL B 258 -16.90 -13.15 47.11
N GLU B 259 -17.75 -14.06 47.57
CA GLU B 259 -17.64 -14.58 48.93
C GLU B 259 -16.72 -15.81 48.96
N GLY B 260 -15.51 -15.64 48.45
CA GLY B 260 -14.54 -16.73 48.45
C GLY B 260 -14.77 -17.83 47.44
N GLU B 261 -15.62 -17.58 46.45
CA GLU B 261 -15.90 -18.60 45.44
C GLU B 261 -15.84 -18.05 44.02
N LEU B 262 -14.75 -17.36 43.71
CA LEU B 262 -14.59 -16.77 42.40
C LEU B 262 -14.48 -17.81 41.30
N TRP B 263 -14.40 -19.09 41.68
CA TRP B 263 -14.34 -20.15 40.67
C TRP B 263 -15.69 -20.24 39.95
N ARG B 264 -16.68 -19.52 40.47
CA ARG B 264 -18.00 -19.49 39.87
C ARG B 264 -18.05 -18.62 38.62
N LEU B 265 -17.04 -17.76 38.44
CA LEU B 265 -17.02 -16.85 37.31
C LEU B 265 -16.57 -17.34 35.94
N ILE B 266 -16.73 -18.63 35.69
CA ILE B 266 -16.38 -19.20 34.39
C ILE B 266 -17.20 -20.48 34.23
N ASP B 267 -17.75 -20.71 33.04
CA ASP B 267 -18.51 -21.93 32.82
C ASP B 267 -17.58 -23.01 32.29
N PRO B 268 -18.07 -24.25 32.14
CA PRO B 268 -17.21 -25.33 31.64
C PRO B 268 -16.61 -25.11 30.25
N GLN B 269 -17.20 -24.19 29.48
CA GLN B 269 -16.72 -23.89 28.14
C GLN B 269 -15.67 -22.78 28.14
N GLY B 270 -15.38 -22.24 29.32
CA GLY B 270 -14.40 -21.17 29.44
C GLY B 270 -14.94 -19.77 29.24
N LYS B 271 -16.26 -19.64 29.23
CA LYS B 271 -16.91 -18.34 29.03
C LYS B 271 -17.49 -17.79 30.32
N ALA B 272 -17.89 -16.52 30.31
CA ALA B 272 -18.52 -15.91 31.48
C ALA B 272 -19.79 -16.73 31.68
N PRO B 273 -20.18 -16.97 32.95
CA PRO B 273 -21.38 -17.76 33.29
C PRO B 273 -22.76 -17.12 33.16
N GLY B 274 -22.79 -15.79 33.07
CA GLY B 274 -24.07 -15.11 32.94
C GLY B 274 -24.44 -14.86 31.48
N VAL B 275 -25.42 -14.00 31.23
CA VAL B 275 -25.81 -13.73 29.85
C VAL B 275 -24.60 -13.17 29.09
N MET B 276 -23.72 -12.50 29.83
CA MET B 276 -22.50 -11.92 29.29
C MET B 276 -21.72 -12.92 28.44
N GLY B 277 -21.71 -14.18 28.85
CA GLY B 277 -20.97 -15.20 28.13
C GLY B 277 -21.65 -15.79 26.90
N TRP B 278 -22.94 -15.52 26.73
CA TRP B 278 -23.67 -16.07 25.59
C TRP B 278 -24.12 -15.02 24.56
N TRP B 279 -24.61 -13.89 25.04
CA TRP B 279 -25.08 -12.81 24.15
C TRP B 279 -24.72 -11.50 24.81
N PRO B 280 -23.42 -11.19 24.92
CA PRO B 280 -22.95 -9.95 25.54
C PRO B 280 -23.55 -8.67 24.99
N ALA B 281 -23.86 -8.65 23.69
CA ALA B 281 -24.44 -7.45 23.08
C ALA B 281 -25.83 -7.14 23.61
N LYS B 282 -26.46 -8.12 24.26
CA LYS B 282 -27.81 -7.95 24.78
C LYS B 282 -27.86 -8.02 26.30
N ALA B 283 -26.70 -8.02 26.94
CA ALA B 283 -26.65 -8.12 28.40
C ALA B 283 -26.26 -6.85 29.13
N VAL B 284 -27.17 -6.30 29.91
CA VAL B 284 -26.88 -5.10 30.69
C VAL B 284 -26.53 -5.57 32.10
N THR B 285 -25.25 -5.49 32.44
CA THR B 285 -24.76 -5.93 33.75
C THR B 285 -24.88 -4.85 34.81
N PHE B 286 -24.96 -5.28 36.07
CA PHE B 286 -25.07 -4.35 37.19
C PHE B 286 -24.68 -4.99 38.51
N VAL B 287 -24.37 -4.16 39.50
CA VAL B 287 -23.99 -4.61 40.83
C VAL B 287 -25.22 -4.60 41.74
N ASP B 288 -26.04 -3.56 41.59
CA ASP B 288 -27.29 -3.45 42.35
C ASP B 288 -28.21 -2.42 41.69
N ASN B 289 -29.50 -2.52 41.96
CA ASN B 289 -30.46 -1.54 41.45
C ASN B 289 -31.37 -1.14 42.62
N HIS B 290 -32.43 -0.40 42.33
CA HIS B 290 -33.34 0.06 43.37
C HIS B 290 -34.10 -1.05 44.10
N ASP B 291 -34.13 -2.25 43.50
CA ASP B 291 -34.82 -3.40 44.10
C ASP B 291 -33.85 -4.26 44.89
N THR B 292 -32.78 -4.68 44.23
CA THR B 292 -31.78 -5.54 44.88
C THR B 292 -31.04 -4.81 45.98
N GLY B 293 -30.81 -3.51 45.78
CA GLY B 293 -30.10 -2.71 46.77
C GLY B 293 -30.96 -1.60 47.34
N SER B 294 -30.36 -0.43 47.56
CA SER B 294 -31.09 0.70 48.12
C SER B 294 -31.76 0.27 49.42
N THR B 295 -32.92 0.82 49.71
CA THR B 295 -33.64 0.49 50.94
C THR B 295 -34.54 -0.74 50.87
N GLN B 296 -34.70 -1.31 49.68
CA GLN B 296 -35.52 -2.52 49.57
C GLN B 296 -34.65 -3.71 49.89
N ALA B 297 -33.38 -3.64 49.48
CA ALA B 297 -32.40 -4.68 49.75
C ALA B 297 -32.90 -6.10 49.53
N MET B 298 -33.44 -6.35 48.33
CA MET B 298 -33.96 -7.67 48.01
C MET B 298 -32.87 -8.70 47.69
N TRP B 299 -31.70 -8.22 47.29
CA TRP B 299 -30.62 -9.12 46.91
C TRP B 299 -29.34 -8.28 46.80
N PRO B 300 -28.97 -7.59 47.89
CA PRO B 300 -27.79 -6.72 47.93
C PRO B 300 -26.44 -7.38 47.70
N PHE B 301 -25.57 -6.67 47.00
CA PHE B 301 -24.23 -7.15 46.74
C PHE B 301 -23.52 -7.07 48.08
N PRO B 302 -22.58 -7.99 48.36
CA PRO B 302 -21.86 -7.92 49.65
C PRO B 302 -21.30 -6.51 49.78
N SER B 303 -21.79 -5.76 50.76
CA SER B 303 -21.40 -4.38 50.99
C SER B 303 -19.91 -4.07 51.00
N ASP B 304 -19.11 -4.98 51.55
CA ASP B 304 -17.67 -4.76 51.65
C ASP B 304 -16.90 -5.11 50.37
N LYS B 305 -17.60 -5.55 49.34
CA LYS B 305 -16.92 -5.93 48.11
C LYS B 305 -17.47 -5.29 46.84
N VAL B 306 -18.24 -4.21 47.00
CA VAL B 306 -18.84 -3.52 45.87
C VAL B 306 -17.84 -3.13 44.76
N MET B 307 -16.67 -2.63 45.13
CA MET B 307 -15.70 -2.25 44.11
C MET B 307 -15.22 -3.43 43.27
N GLN B 308 -15.29 -4.64 43.81
CA GLN B 308 -14.87 -5.81 43.04
C GLN B 308 -15.93 -6.01 41.96
N GLY B 309 -17.17 -5.73 42.33
CA GLY B 309 -18.27 -5.85 41.39
C GLY B 309 -18.08 -4.91 40.21
N TYR B 310 -17.67 -3.67 40.49
CA TYR B 310 -17.45 -2.70 39.42
C TYR B 310 -16.18 -2.98 38.64
N ALA B 311 -15.15 -3.49 39.31
CA ALA B 311 -13.92 -3.82 38.60
C ALA B 311 -14.28 -4.87 37.55
N TYR B 312 -15.22 -5.75 37.91
CA TYR B 312 -15.66 -6.81 37.02
C TYR B 312 -16.53 -6.29 35.87
N ILE B 313 -17.70 -5.75 36.17
CA ILE B 313 -18.57 -5.29 35.09
C ILE B 313 -18.05 -4.14 34.24
N LEU B 314 -17.26 -3.23 34.80
CA LEU B 314 -16.77 -2.09 34.02
C LEU B 314 -15.61 -2.42 33.06
N THR B 315 -15.00 -3.59 33.20
CA THR B 315 -13.91 -3.97 32.31
C THR B 315 -14.30 -5.09 31.37
N HIS B 316 -15.42 -5.75 31.67
CA HIS B 316 -15.91 -6.89 30.91
C HIS B 316 -16.93 -6.65 29.81
N PRO B 317 -17.16 -7.68 28.97
CA PRO B 317 -18.13 -7.58 27.88
C PRO B 317 -19.49 -7.31 28.51
N GLY B 318 -20.48 -7.04 27.66
CA GLY B 318 -21.81 -6.72 28.17
C GLY B 318 -21.83 -5.22 28.33
N ILE B 319 -22.99 -4.67 28.68
CA ILE B 319 -23.14 -3.23 28.86
C ILE B 319 -23.34 -2.95 30.34
N PRO B 320 -22.33 -2.39 31.01
CA PRO B 320 -22.43 -2.10 32.45
C PRO B 320 -23.34 -0.94 32.81
N CYS B 321 -24.03 -1.08 33.94
CA CYS B 321 -24.92 -0.06 34.45
C CYS B 321 -24.50 0.26 35.87
N ILE B 322 -24.11 1.52 36.09
CA ILE B 322 -23.66 1.98 37.40
C ILE B 322 -24.86 2.46 38.21
N PHE B 323 -24.90 2.09 39.49
CA PHE B 323 -26.00 2.48 40.38
C PHE B 323 -25.69 3.81 41.06
N TYR B 324 -26.64 4.73 41.02
CA TYR B 324 -26.49 6.06 41.61
C TYR B 324 -25.76 6.08 42.95
N ASP B 325 -26.29 5.36 43.93
CA ASP B 325 -25.71 5.33 45.27
C ASP B 325 -24.22 5.02 45.31
N HIS B 326 -23.82 4.00 44.57
CA HIS B 326 -22.42 3.58 44.51
C HIS B 326 -21.50 4.64 43.96
N PHE B 327 -22.02 5.45 43.04
CA PHE B 327 -21.23 6.50 42.41
C PHE B 327 -21.08 7.75 43.27
N PHE B 328 -22.19 8.19 43.86
CA PHE B 328 -22.18 9.41 44.67
C PHE B 328 -22.21 9.29 46.20
N ASN B 329 -22.76 8.20 46.72
CA ASN B 329 -22.90 8.03 48.18
C ASN B 329 -21.99 7.05 48.93
N TRP B 330 -21.20 6.25 48.20
CA TRP B 330 -20.33 5.27 48.85
C TRP B 330 -18.84 5.62 48.88
N GLY B 331 -18.47 6.77 48.33
CA GLY B 331 -17.08 7.18 48.31
C GLY B 331 -16.27 6.54 47.19
N PHE B 332 -16.96 6.02 46.19
CA PHE B 332 -16.31 5.37 45.05
C PHE B 332 -16.29 6.18 43.76
N LYS B 333 -16.74 7.43 43.81
N LYS B 333 -16.74 7.43 43.82
CA LYS B 333 -16.80 8.25 42.60
CA LYS B 333 -16.80 8.30 42.66
C LYS B 333 -15.53 8.21 41.76
C LYS B 333 -15.54 8.23 41.78
N ASP B 334 -14.40 8.60 42.35
CA ASP B 334 -13.14 8.60 41.63
C ASP B 334 -12.72 7.23 41.08
N GLN B 335 -12.90 6.19 41.89
CA GLN B 335 -12.53 4.83 41.48
C GLN B 335 -13.37 4.33 40.31
N ILE B 336 -14.67 4.59 40.36
CA ILE B 336 -15.55 4.14 39.30
C ILE B 336 -15.28 4.91 38.01
N ALA B 337 -15.06 6.22 38.12
CA ALA B 337 -14.77 7.03 36.95
C ALA B 337 -13.47 6.55 36.30
N ALA B 338 -12.49 6.19 37.13
CA ALA B 338 -11.22 5.70 36.64
C ALA B 338 -11.41 4.42 35.84
N LEU B 339 -12.29 3.55 36.33
CA LEU B 339 -12.55 2.29 35.65
C LEU B 339 -13.24 2.52 34.31
N VAL B 340 -14.18 3.46 34.26
CA VAL B 340 -14.88 3.75 33.02
C VAL B 340 -13.88 4.34 32.02
N ALA B 341 -12.98 5.19 32.50
CA ALA B 341 -11.98 5.80 31.63
C ALA B 341 -11.13 4.73 30.98
N ILE B 342 -10.76 3.71 31.75
CA ILE B 342 -9.95 2.62 31.23
C ILE B 342 -10.73 1.87 30.15
N ARG B 343 -12.01 1.64 30.42
CA ARG B 343 -12.88 0.93 29.48
C ARG B 343 -12.93 1.70 28.17
N LYS B 344 -13.17 3.00 28.28
CA LYS B 344 -13.29 3.87 27.11
C LYS B 344 -12.00 4.00 26.28
N ARG B 345 -10.91 4.38 26.91
CA ARG B 345 -9.66 4.58 26.18
C ARG B 345 -9.10 3.33 25.51
N ASN B 346 -9.53 2.16 25.96
CA ASN B 346 -9.07 0.91 25.38
C ASN B 346 -10.07 0.36 24.36
N GLY B 347 -11.10 1.15 24.06
CA GLY B 347 -12.10 0.75 23.09
C GLY B 347 -12.90 -0.48 23.44
N ILE B 348 -13.04 -0.77 24.73
CA ILE B 348 -13.80 -1.93 25.15
C ILE B 348 -15.29 -1.67 24.97
N THR B 349 -15.99 -2.65 24.40
CA THR B 349 -17.43 -2.53 24.17
C THR B 349 -18.13 -3.81 24.62
N ALA B 350 -19.44 -3.87 24.43
CA ALA B 350 -20.21 -5.02 24.85
C ALA B 350 -19.74 -6.33 24.25
N THR B 351 -19.19 -6.27 23.03
CA THR B 351 -18.73 -7.49 22.36
C THR B 351 -17.23 -7.77 22.44
N SER B 352 -16.54 -7.08 23.34
CA SER B 352 -15.10 -7.30 23.50
C SER B 352 -14.83 -8.75 23.89
N ALA B 353 -13.66 -9.25 23.50
CA ALA B 353 -13.28 -10.63 23.79
C ALA B 353 -12.78 -10.78 25.22
N LEU B 354 -13.16 -11.88 25.86
CA LEU B 354 -12.77 -12.16 27.24
C LEU B 354 -11.97 -13.45 27.34
N LYS B 355 -10.77 -13.33 27.92
CA LYS B 355 -9.89 -14.47 28.11
C LYS B 355 -9.63 -14.56 29.61
N ILE B 356 -10.20 -15.58 30.25
CA ILE B 356 -10.00 -15.75 31.69
C ILE B 356 -8.69 -16.46 31.98
N LEU B 357 -7.85 -15.82 32.78
CA LEU B 357 -6.52 -16.33 33.12
C LEU B 357 -6.42 -17.09 34.44
N MET B 358 -7.36 -16.85 35.34
CA MET B 358 -7.36 -17.50 36.64
C MET B 358 -8.75 -17.41 37.23
N HIS B 359 -9.26 -18.54 37.75
CA HIS B 359 -10.58 -18.56 38.34
C HIS B 359 -10.63 -19.47 39.55
N GLU B 360 -9.90 -19.07 40.58
CA GLU B 360 -9.85 -19.81 41.83
C GLU B 360 -10.69 -19.11 42.89
N GLY B 361 -10.94 -19.79 44.00
CA GLY B 361 -11.75 -19.21 45.04
C GLY B 361 -11.42 -17.80 45.48
N ASP B 362 -10.14 -17.53 45.73
CA ASP B 362 -9.70 -16.22 46.18
C ASP B 362 -9.11 -15.32 45.10
N ALA B 363 -9.22 -15.71 43.85
CA ALA B 363 -8.66 -14.90 42.77
C ALA B 363 -9.21 -15.17 41.37
N TYR B 364 -9.68 -14.11 40.73
CA TYR B 364 -10.20 -14.16 39.38
C TYR B 364 -9.38 -13.14 38.59
N VAL B 365 -8.78 -13.58 37.48
CA VAL B 365 -7.99 -12.68 36.65
C VAL B 365 -8.43 -12.88 35.20
N ALA B 366 -8.66 -11.79 34.49
CA ALA B 366 -9.10 -11.88 33.10
C ALA B 366 -8.49 -10.80 32.21
N GLU B 367 -8.36 -11.13 30.93
CA GLU B 367 -7.80 -10.23 29.93
C GLU B 367 -8.88 -9.91 28.89
N ILE B 368 -9.12 -8.61 28.66
CA ILE B 368 -10.13 -8.20 27.70
C ILE B 368 -9.49 -7.55 26.47
N ASP B 369 -9.86 -8.04 25.29
CA ASP B 369 -9.33 -7.55 24.02
C ASP B 369 -7.80 -7.52 23.97
N GLY B 370 -7.17 -8.29 24.83
CA GLY B 370 -5.71 -8.34 24.88
C GLY B 370 -5.10 -6.99 25.23
N LYS B 371 -5.92 -6.09 25.78
CA LYS B 371 -5.47 -4.76 26.14
C LYS B 371 -5.56 -4.43 27.62
N VAL B 372 -6.51 -5.06 28.30
CA VAL B 372 -6.72 -4.81 29.72
C VAL B 372 -6.79 -6.09 30.55
N VAL B 373 -6.15 -6.07 31.71
CA VAL B 373 -6.17 -7.21 32.62
C VAL B 373 -6.78 -6.72 33.92
N VAL B 374 -7.69 -7.50 34.49
CA VAL B 374 -8.35 -7.14 35.73
C VAL B 374 -8.29 -8.32 36.70
N LYS B 375 -8.14 -8.01 37.98
CA LYS B 375 -8.10 -9.02 39.03
C LYS B 375 -8.96 -8.60 40.20
N ILE B 376 -9.71 -9.55 40.75
CA ILE B 376 -10.53 -9.28 41.93
C ILE B 376 -10.32 -10.45 42.90
N GLY B 377 -10.53 -10.19 44.19
CA GLY B 377 -10.36 -11.25 45.17
C GLY B 377 -9.36 -10.87 46.25
N PRO B 378 -9.36 -11.59 47.39
CA PRO B 378 -8.47 -11.36 48.54
C PRO B 378 -7.01 -11.77 48.36
N ARG B 379 -6.74 -12.71 47.47
CA ARG B 379 -5.35 -13.13 47.27
C ARG B 379 -4.56 -11.94 46.75
N TYR B 380 -3.54 -11.53 47.49
CA TYR B 380 -2.76 -10.36 47.07
C TYR B 380 -1.89 -10.57 45.82
N ASP B 381 -1.16 -11.68 45.77
CA ASP B 381 -0.25 -11.94 44.66
C ASP B 381 -0.75 -12.78 43.50
N VAL B 382 -0.72 -12.20 42.30
CA VAL B 382 -1.12 -12.87 41.07
C VAL B 382 -0.17 -12.41 39.97
N GLY B 383 1.01 -11.96 40.38
CA GLY B 383 1.99 -11.48 39.42
C GLY B 383 2.41 -12.47 38.36
N ALA B 384 2.46 -13.76 38.72
CA ALA B 384 2.88 -14.80 37.78
C ALA B 384 1.91 -15.03 36.63
N VAL B 385 0.67 -14.62 36.79
CA VAL B 385 -0.32 -14.82 35.73
C VAL B 385 -0.52 -13.58 34.85
N ILE B 386 0.12 -12.48 35.22
CA ILE B 386 0.01 -11.24 34.45
C ILE B 386 0.89 -11.31 33.21
N PRO B 387 0.28 -11.20 32.02
CA PRO B 387 1.04 -11.26 30.77
C PRO B 387 2.12 -10.16 30.67
N ALA B 388 3.12 -10.41 29.84
CA ALA B 388 4.19 -9.44 29.65
C ALA B 388 3.65 -8.17 28.99
N GLY B 389 4.21 -7.02 29.36
CA GLY B 389 3.78 -5.77 28.77
C GLY B 389 2.70 -5.03 29.53
N PHE B 390 2.14 -5.66 30.57
CA PHE B 390 1.09 -5.02 31.36
C PHE B 390 1.59 -4.33 32.61
N VAL B 391 1.06 -3.14 32.88
N VAL B 391 1.06 -3.14 32.88
CA VAL B 391 1.44 -2.36 34.05
CA VAL B 391 1.43 -2.37 34.05
C VAL B 391 0.19 -1.86 34.77
C VAL B 391 0.18 -1.86 34.77
N THR B 392 0.19 -1.93 36.09
CA THR B 392 -0.95 -1.49 36.90
C THR B 392 -1.32 -0.03 36.62
N SER B 393 -2.60 0.23 36.39
CA SER B 393 -3.07 1.57 36.12
C SER B 393 -4.15 2.01 37.10
N ALA B 394 -4.73 1.06 37.82
CA ALA B 394 -5.76 1.36 38.80
C ALA B 394 -5.85 0.21 39.80
N HIS B 395 -6.14 0.52 41.05
CA HIS B 395 -6.24 -0.50 42.09
C HIS B 395 -6.96 0.00 43.34
N GLY B 396 -7.46 -0.94 44.12
CA GLY B 396 -8.16 -0.61 45.35
C GLY B 396 -8.31 -1.85 46.20
N ASN B 397 -9.29 -1.85 47.10
CA ASN B 397 -9.51 -3.00 47.97
C ASN B 397 -9.91 -4.26 47.21
N ASP B 398 -8.98 -5.21 47.17
CA ASP B 398 -9.17 -6.48 46.50
C ASP B 398 -9.46 -6.43 45.00
N TYR B 399 -8.89 -5.45 44.31
CA TYR B 399 -9.02 -5.37 42.86
C TYR B 399 -7.86 -4.56 42.28
N ALA B 400 -7.52 -4.87 41.04
CA ALA B 400 -6.44 -4.18 40.35
C ALA B 400 -6.63 -4.32 38.85
N VAL B 401 -6.19 -3.30 38.10
CA VAL B 401 -6.31 -3.30 36.66
C VAL B 401 -4.97 -2.93 36.02
N TRP B 402 -4.64 -3.62 34.94
CA TRP B 402 -3.39 -3.38 34.20
C TRP B 402 -3.71 -3.02 32.76
N GLU B 403 -2.84 -2.25 32.13
CA GLU B 403 -3.02 -1.86 30.74
C GLU B 403 -1.72 -2.11 29.98
N LYS B 404 -1.84 -2.50 28.72
CA LYS B 404 -0.70 -2.78 27.87
C LYS B 404 -0.68 -1.85 26.67
N HIS C 1 -37.74 11.99 -16.58
CA HIS C 1 -36.91 10.80 -16.24
C HIS C 1 -35.56 10.87 -16.94
N GLN C 2 -34.49 10.75 -16.18
CA GLN C 2 -33.15 10.79 -16.75
C GLN C 2 -32.21 9.95 -15.89
N VAL C 3 -31.63 8.92 -16.50
CA VAL C 3 -30.70 8.05 -15.80
C VAL C 3 -29.55 7.71 -16.73
N LEU C 4 -28.33 8.06 -16.33
CA LEU C 4 -27.15 7.78 -17.14
C LEU C 4 -26.54 6.43 -16.82
N PHE C 5 -25.74 5.92 -17.74
CA PHE C 5 -25.11 4.61 -17.59
C PHE C 5 -23.73 4.67 -18.24
N GLN C 6 -22.69 4.41 -17.46
CA GLN C 6 -21.34 4.41 -18.04
C GLN C 6 -21.15 3.05 -18.68
N GLY C 7 -21.17 3.03 -20.01
CA GLY C 7 -21.06 1.79 -20.75
C GLY C 7 -19.68 1.25 -21.04
N PHE C 8 -18.80 1.27 -20.04
CA PHE C 8 -17.44 0.73 -20.19
C PHE C 8 -16.68 0.86 -18.88
N ASN C 9 -15.56 0.15 -18.80
CA ASN C 9 -14.67 0.21 -17.63
C ASN C 9 -13.24 0.27 -18.16
N TRP C 10 -12.26 0.27 -17.26
CA TRP C 10 -10.85 0.37 -17.65
C TRP C 10 -10.30 -0.86 -18.37
N GLU C 11 -11.03 -1.97 -18.34
CA GLU C 11 -10.58 -3.19 -18.99
C GLU C 11 -11.32 -3.48 -20.31
N SER C 12 -12.34 -2.69 -20.60
CA SER C 12 -13.16 -2.88 -21.79
C SER C 12 -12.46 -3.06 -23.14
N TRP C 13 -11.34 -2.36 -23.35
CA TRP C 13 -10.65 -2.47 -24.63
C TRP C 13 -10.15 -3.88 -24.91
N LYS C 14 -10.03 -4.70 -23.86
CA LYS C 14 -9.54 -6.07 -24.00
C LYS C 14 -10.63 -7.08 -24.38
N GLN C 15 -11.89 -6.65 -24.32
CA GLN C 15 -13.02 -7.53 -24.62
C GLN C 15 -12.91 -8.38 -25.89
N SER C 16 -12.97 -9.69 -25.71
CA SER C 16 -12.92 -10.63 -26.82
C SER C 16 -14.04 -10.32 -27.79
N GLY C 17 -13.70 -10.18 -29.07
CA GLY C 17 -14.72 -9.90 -30.07
C GLY C 17 -15.09 -8.43 -30.21
N GLY C 18 -14.52 -7.59 -29.36
CA GLY C 18 -14.81 -6.16 -29.43
C GLY C 18 -15.82 -5.68 -28.40
N TRP C 19 -15.51 -4.57 -27.74
CA TRP C 19 -16.41 -4.03 -26.71
C TRP C 19 -17.76 -3.59 -27.25
N TYR C 20 -17.79 -2.86 -28.36
CA TYR C 20 -19.06 -2.41 -28.92
C TYR C 20 -19.91 -3.63 -29.28
N ASN C 21 -19.29 -4.63 -29.90
CA ASN C 21 -20.04 -5.82 -30.27
C ASN C 21 -20.64 -6.49 -29.05
N MET C 22 -19.89 -6.50 -27.95
N MET C 22 -19.89 -6.50 -27.95
CA MET C 22 -20.36 -7.10 -26.71
CA MET C 22 -20.36 -7.10 -26.71
C MET C 22 -21.55 -6.29 -26.17
C MET C 22 -21.55 -6.29 -26.17
N MET C 23 -21.45 -4.97 -26.26
CA MET C 23 -22.52 -4.07 -25.79
C MET C 23 -23.81 -4.24 -26.58
N MET C 24 -23.70 -4.64 -27.84
CA MET C 24 -24.87 -4.85 -28.67
C MET C 24 -25.84 -5.80 -27.96
N GLY C 25 -25.28 -6.80 -27.29
CA GLY C 25 -26.11 -7.77 -26.59
C GLY C 25 -26.61 -7.30 -25.24
N LYS C 26 -26.23 -6.10 -24.84
CA LYS C 26 -26.64 -5.53 -23.56
C LYS C 26 -27.68 -4.41 -23.73
N VAL C 27 -27.85 -3.93 -24.96
CA VAL C 27 -28.80 -2.85 -25.24
C VAL C 27 -30.22 -3.09 -24.70
N ASP C 28 -30.77 -4.27 -24.95
CA ASP C 28 -32.12 -4.58 -24.48
C ASP C 28 -32.24 -4.46 -22.96
N ASP C 29 -31.28 -5.03 -22.22
CA ASP C 29 -31.30 -4.95 -20.76
C ASP C 29 -31.14 -3.51 -20.27
N ILE C 30 -30.23 -2.77 -20.90
CA ILE C 30 -29.99 -1.38 -20.53
C ILE C 30 -31.27 -0.56 -20.71
N ALA C 31 -31.91 -0.69 -21.86
CA ALA C 31 -33.14 0.05 -22.14
C ALA C 31 -34.27 -0.35 -21.20
N ALA C 32 -34.48 -1.65 -21.02
CA ALA C 32 -35.53 -2.16 -20.14
C ALA C 32 -35.33 -1.69 -18.70
N ALA C 33 -34.09 -1.47 -18.31
CA ALA C 33 -33.77 -1.03 -16.97
C ALA C 33 -34.19 0.41 -16.69
N GLY C 34 -34.46 1.17 -17.75
CA GLY C 34 -34.87 2.54 -17.58
C GLY C 34 -33.77 3.56 -17.82
N VAL C 35 -32.66 3.11 -18.40
CA VAL C 35 -31.54 4.01 -18.70
C VAL C 35 -31.91 4.90 -19.89
N THR C 36 -31.57 6.18 -19.81
CA THR C 36 -31.90 7.12 -20.88
C THR C 36 -30.71 7.57 -21.72
N HIS C 37 -29.51 7.52 -21.16
CA HIS C 37 -28.29 7.92 -21.84
C HIS C 37 -27.14 6.98 -21.50
N VAL C 38 -26.39 6.56 -22.52
CA VAL C 38 -25.25 5.68 -22.29
C VAL C 38 -23.95 6.40 -22.67
N TRP C 39 -23.04 6.48 -21.71
CA TRP C 39 -21.74 7.12 -21.90
C TRP C 39 -20.75 6.08 -22.46
N LEU C 40 -20.24 6.35 -23.66
CA LEU C 40 -19.30 5.48 -24.35
C LEU C 40 -17.89 6.09 -24.30
N PRO C 41 -16.84 5.25 -24.42
CA PRO C 41 -15.45 5.70 -24.37
C PRO C 41 -14.93 6.52 -25.55
N PRO C 42 -13.75 7.15 -25.39
CA PRO C 42 -13.15 7.97 -26.46
C PRO C 42 -13.13 7.04 -27.68
N PRO C 43 -13.78 7.45 -28.78
CA PRO C 43 -13.82 6.60 -29.97
C PRO C 43 -12.69 6.66 -30.99
N SER C 44 -11.78 7.61 -30.84
CA SER C 44 -10.69 7.75 -31.81
C SER C 44 -9.41 7.00 -31.52
N HIS C 45 -8.57 6.94 -32.54
CA HIS C 45 -7.26 6.34 -32.44
C HIS C 45 -6.60 7.00 -31.23
N SER C 46 -5.87 6.21 -30.45
CA SER C 46 -5.21 6.72 -29.26
C SER C 46 -3.90 5.97 -29.03
N VAL C 47 -2.89 6.67 -28.53
CA VAL C 47 -1.60 6.05 -28.25
C VAL C 47 -1.78 5.04 -27.13
N SER C 48 -2.68 5.37 -26.19
CA SER C 48 -2.97 4.49 -25.07
C SER C 48 -4.22 3.67 -25.44
N ASN C 49 -4.24 2.40 -25.04
CA ASN C 49 -5.35 1.52 -25.37
C ASN C 49 -6.74 1.97 -24.92
N GLU C 50 -6.82 2.61 -23.76
CA GLU C 50 -8.11 3.05 -23.24
C GLU C 50 -8.70 4.24 -24.00
N GLY C 51 -7.88 4.91 -24.80
CA GLY C 51 -8.35 6.02 -25.61
C GLY C 51 -8.16 7.44 -25.10
N TYR C 52 -7.56 7.59 -23.93
CA TYR C 52 -7.37 8.93 -23.35
C TYR C 52 -6.13 9.70 -23.81
N MET C 53 -5.50 9.20 -24.86
N MET C 53 -5.50 9.20 -24.86
CA MET C 53 -4.33 9.86 -25.44
CA MET C 53 -4.33 9.86 -25.44
C MET C 53 -4.58 9.86 -26.95
C MET C 53 -4.58 9.86 -26.95
N PRO C 54 -5.67 10.52 -27.37
CA PRO C 54 -6.06 10.63 -28.78
C PRO C 54 -5.04 11.26 -29.70
N GLY C 55 -5.02 10.77 -30.93
CA GLY C 55 -4.11 11.29 -31.95
C GLY C 55 -4.91 11.64 -33.18
N ARG C 56 -5.16 10.65 -34.03
CA ARG C 56 -5.95 10.87 -35.24
C ARG C 56 -7.43 10.83 -34.87
N LEU C 57 -7.98 11.98 -34.51
CA LEU C 57 -9.37 12.08 -34.08
C LEU C 57 -10.42 11.50 -35.03
N TYR C 58 -10.20 11.62 -36.34
CA TYR C 58 -11.14 11.09 -37.32
C TYR C 58 -10.96 9.60 -37.57
N ASP C 59 -9.85 9.04 -37.10
CA ASP C 59 -9.58 7.60 -37.30
C ASP C 59 -10.29 6.77 -36.23
N ILE C 60 -11.59 6.60 -36.41
CA ILE C 60 -12.39 5.82 -35.48
C ILE C 60 -12.10 4.32 -35.63
N ASP C 61 -11.78 3.90 -36.85
CA ASP C 61 -11.48 2.49 -37.11
C ASP C 61 -10.27 1.97 -36.33
N ALA C 62 -9.42 2.88 -35.86
CA ALA C 62 -8.21 2.48 -35.13
C ALA C 62 -8.45 2.23 -33.64
N SER C 63 -9.63 2.57 -33.14
CA SER C 63 -9.93 2.37 -31.72
C SER C 63 -9.90 0.91 -31.32
N LYS C 64 -9.39 0.65 -30.11
CA LYS C 64 -9.34 -0.71 -29.58
C LYS C 64 -10.73 -1.24 -29.25
N TYR C 65 -11.68 -0.33 -29.04
CA TYR C 65 -13.05 -0.72 -28.71
C TYR C 65 -13.85 -1.30 -29.86
N GLY C 66 -13.48 -0.90 -31.08
CA GLY C 66 -14.17 -1.36 -32.28
C GLY C 66 -14.08 -0.26 -33.32
N ASN C 67 -14.44 -0.55 -34.57
CA ASN C 67 -14.36 0.47 -35.62
C ASN C 67 -15.62 1.30 -35.75
N ALA C 68 -15.65 2.20 -36.73
CA ALA C 68 -16.80 3.07 -36.95
C ALA C 68 -18.06 2.28 -37.24
N ALA C 69 -17.94 1.22 -38.02
CA ALA C 69 -19.10 0.40 -38.35
C ALA C 69 -19.74 -0.18 -37.10
N GLU C 70 -18.91 -0.75 -36.24
CA GLU C 70 -19.41 -1.37 -35.01
C GLU C 70 -19.96 -0.33 -34.04
N LEU C 71 -19.36 0.85 -34.02
CA LEU C 71 -19.82 1.91 -33.13
C LEU C 71 -21.18 2.42 -33.59
N LYS C 72 -21.32 2.63 -34.91
CA LYS C 72 -22.57 3.11 -35.47
C LYS C 72 -23.68 2.09 -35.25
N SER C 73 -23.32 0.81 -35.32
CA SER C 73 -24.31 -0.24 -35.09
C SER C 73 -24.80 -0.16 -33.65
N LEU C 74 -23.89 0.05 -32.71
CA LEU C 74 -24.25 0.16 -31.30
C LEU C 74 -25.11 1.38 -31.03
N ILE C 75 -24.69 2.53 -31.56
CA ILE C 75 -25.44 3.77 -31.36
C ILE C 75 -26.82 3.65 -31.99
N GLY C 76 -26.89 2.98 -33.14
CA GLY C 76 -28.18 2.80 -33.81
C GLY C 76 -29.11 1.93 -33.00
N ALA C 77 -28.56 0.92 -32.35
CA ALA C 77 -29.33 0.01 -31.52
C ALA C 77 -29.87 0.76 -30.30
N LEU C 78 -29.02 1.61 -29.72
CA LEU C 78 -29.45 2.40 -28.57
C LEU C 78 -30.60 3.31 -28.96
N HIS C 79 -30.43 4.02 -30.06
CA HIS C 79 -31.46 4.92 -30.57
C HIS C 79 -32.77 4.19 -30.84
N GLY C 80 -32.66 2.96 -31.33
CA GLY C 80 -33.84 2.17 -31.62
C GLY C 80 -34.65 1.89 -30.38
N LYS C 81 -33.99 1.91 -29.22
CA LYS C 81 -34.65 1.67 -27.95
C LYS C 81 -34.92 2.96 -27.20
N GLY C 82 -34.70 4.10 -27.87
CA GLY C 82 -34.93 5.40 -27.26
C GLY C 82 -33.86 5.86 -26.30
N VAL C 83 -32.67 5.28 -26.39
CA VAL C 83 -31.57 5.63 -25.50
C VAL C 83 -30.55 6.49 -26.25
N GLN C 84 -30.10 7.57 -25.62
CA GLN C 84 -29.11 8.43 -26.26
C GLN C 84 -27.69 7.95 -26.02
N ALA C 85 -26.75 8.48 -26.82
CA ALA C 85 -25.35 8.10 -26.71
C ALA C 85 -24.47 9.31 -26.41
N ILE C 86 -23.65 9.19 -25.36
CA ILE C 86 -22.73 10.25 -24.94
C ILE C 86 -21.31 9.83 -25.31
N ALA C 87 -20.57 10.71 -25.98
CA ALA C 87 -19.19 10.39 -26.35
C ALA C 87 -18.21 11.02 -25.37
N ASP C 88 -17.19 10.27 -24.99
CA ASP C 88 -16.16 10.78 -24.08
C ASP C 88 -15.26 11.64 -24.94
N ILE C 89 -15.32 12.94 -24.74
CA ILE C 89 -14.54 13.91 -25.50
C ILE C 89 -13.26 14.30 -24.80
N VAL C 90 -12.13 13.90 -25.37
CA VAL C 90 -10.81 14.16 -24.82
C VAL C 90 -10.11 15.20 -25.71
N ILE C 91 -10.15 16.46 -25.29
CA ILE C 91 -9.52 17.51 -26.08
C ILE C 91 -8.55 18.42 -25.34
N ASN C 92 -8.25 18.12 -24.09
CA ASN C 92 -7.30 18.96 -23.36
C ASN C 92 -5.92 18.79 -23.99
N HIS C 93 -5.59 17.55 -24.32
CA HIS C 93 -4.31 17.19 -24.91
C HIS C 93 -4.54 16.29 -26.12
N ARG C 94 -3.47 16.07 -26.88
CA ARG C 94 -3.56 15.24 -28.07
C ARG C 94 -2.15 14.81 -28.47
N CYS C 95 -2.03 13.60 -29.00
CA CYS C 95 -0.72 13.07 -29.41
C CYS C 95 -0.48 13.29 -30.91
N ALA C 96 0.75 13.70 -31.24
CA ALA C 96 1.14 13.96 -32.61
C ALA C 96 1.80 12.72 -33.24
N ASP C 97 1.36 12.39 -34.45
CA ASP C 97 1.87 11.24 -35.17
C ASP C 97 3.32 11.38 -35.65
N TYR C 98 3.77 12.61 -35.91
CA TYR C 98 5.12 12.79 -36.44
C TYR C 98 6.06 13.71 -35.68
N LYS C 99 7.36 13.51 -35.94
CA LYS C 99 8.42 14.30 -35.34
C LYS C 99 8.75 15.48 -36.23
N ASP C 100 9.21 16.58 -35.63
CA ASP C 100 9.60 17.76 -36.39
C ASP C 100 11.13 17.74 -36.49
N SER C 101 11.72 18.83 -36.96
CA SER C 101 13.18 18.90 -37.12
C SER C 101 13.94 18.82 -35.80
N ARG C 102 13.25 19.03 -34.69
CA ARG C 102 13.88 18.98 -33.37
C ARG C 102 13.90 17.56 -32.82
N GLY C 103 13.13 16.67 -33.45
CA GLY C 103 13.06 15.30 -32.97
C GLY C 103 11.91 15.15 -31.98
N ILE C 104 11.01 16.13 -31.99
CA ILE C 104 9.86 16.15 -31.09
C ILE C 104 8.56 15.78 -31.81
N TYR C 105 7.75 14.94 -31.17
CA TYR C 105 6.46 14.54 -31.74
C TYR C 105 5.48 15.69 -31.54
N CYS C 106 5.38 16.56 -32.54
CA CYS C 106 4.49 17.71 -32.45
C CYS C 106 3.79 18.04 -33.76
N ILE C 107 3.87 17.16 -34.74
CA ILE C 107 3.19 17.37 -36.01
C ILE C 107 2.06 16.35 -36.04
N PHE C 108 0.83 16.86 -36.07
CA PHE C 108 -0.37 16.03 -36.01
C PHE C 108 -1.00 15.61 -37.33
N GLU C 109 -1.82 14.57 -37.25
CA GLU C 109 -2.56 14.02 -38.39
C GLU C 109 -3.98 13.77 -37.91
N GLY C 110 -4.95 14.35 -38.60
CA GLY C 110 -6.35 14.20 -38.21
C GLY C 110 -6.99 12.87 -38.55
N GLY C 111 -6.48 12.20 -39.58
CA GLY C 111 -7.05 10.92 -39.96
C GLY C 111 -7.82 10.98 -41.28
N THR C 112 -7.75 12.11 -41.96
CA THR C 112 -8.41 12.26 -43.24
C THR C 112 -7.38 12.65 -44.28
N SER C 113 -7.71 12.48 -45.56
CA SER C 113 -6.79 12.81 -46.63
C SER C 113 -6.44 14.29 -46.70
N ASP C 114 -7.35 15.15 -46.24
CA ASP C 114 -7.07 16.59 -46.28
C ASP C 114 -6.33 17.09 -45.04
N GLY C 115 -6.28 18.40 -44.87
CA GLY C 115 -5.55 18.97 -43.74
C GLY C 115 -6.30 19.16 -42.44
N ARG C 116 -7.54 18.68 -42.34
CA ARG C 116 -8.30 18.83 -41.10
C ARG C 116 -7.55 18.23 -39.92
N LEU C 117 -7.35 19.05 -38.88
CA LEU C 117 -6.63 18.62 -37.67
C LEU C 117 -5.17 18.26 -37.89
N ASP C 118 -4.62 18.61 -39.05
CA ASP C 118 -3.21 18.34 -39.31
C ASP C 118 -2.43 19.53 -38.75
N TRP C 119 -2.44 19.65 -37.42
CA TRP C 119 -1.75 20.76 -36.74
C TRP C 119 -0.25 20.56 -36.57
N GLY C 120 0.38 21.59 -36.00
CA GLY C 120 1.81 21.57 -35.73
C GLY C 120 2.05 22.09 -34.33
N PRO C 121 3.32 22.30 -33.93
CA PRO C 121 3.61 22.81 -32.58
C PRO C 121 3.00 24.17 -32.28
N HIS C 122 2.55 24.88 -33.30
CA HIS C 122 1.93 26.18 -33.10
C HIS C 122 0.61 26.03 -32.35
N MET C 123 0.05 24.83 -32.35
CA MET C 123 -1.22 24.59 -31.67
C MET C 123 -1.04 23.98 -30.28
N ILE C 124 0.20 23.93 -29.81
CA ILE C 124 0.49 23.36 -28.49
C ILE C 124 0.79 24.51 -27.54
N CYS C 125 0.07 24.57 -26.41
CA CYS C 125 0.26 25.61 -25.40
C CYS C 125 1.76 25.84 -25.25
N ARG C 126 2.21 27.08 -25.41
CA ARG C 126 3.63 27.34 -25.34
C ARG C 126 4.29 26.99 -24.01
N ASP C 127 3.55 27.06 -22.91
CA ASP C 127 4.17 26.73 -21.64
C ASP C 127 4.34 25.23 -21.41
N ASP C 128 3.87 24.42 -22.38
CA ASP C 128 4.06 22.97 -22.31
C ASP C 128 5.35 22.84 -23.14
N THR C 129 6.44 23.33 -22.56
CA THR C 129 7.73 23.37 -23.21
C THR C 129 8.34 22.06 -23.72
N LYS C 130 7.88 20.93 -23.22
CA LYS C 130 8.42 19.66 -23.70
C LYS C 130 8.08 19.47 -25.17
N TYR C 131 6.96 20.05 -25.61
CA TYR C 131 6.50 19.88 -26.99
C TYR C 131 6.33 21.15 -27.82
N SER C 132 5.98 22.27 -27.18
CA SER C 132 5.73 23.50 -27.91
C SER C 132 6.95 24.09 -28.62
N ASP C 133 6.67 25.01 -29.55
CA ASP C 133 7.73 25.68 -30.29
C ASP C 133 7.73 27.14 -29.84
N GLY C 134 7.07 27.38 -28.71
CA GLY C 134 7.00 28.71 -28.11
C GLY C 134 6.18 29.79 -28.79
N THR C 135 5.40 29.43 -29.80
CA THR C 135 4.61 30.42 -30.53
C THR C 135 3.15 30.55 -30.12
N ALA C 136 2.61 29.55 -29.43
CA ALA C 136 1.20 29.57 -29.03
C ALA C 136 0.89 30.39 -27.79
N ASN C 137 -0.39 30.43 -27.44
CA ASN C 137 -0.86 31.14 -26.25
C ASN C 137 -0.55 30.24 -25.06
N LEU C 138 -0.71 30.78 -23.85
CA LEU C 138 -0.47 30.00 -22.65
C LEU C 138 -1.70 29.13 -22.41
N ASP C 139 -1.51 28.00 -21.72
CA ASP C 139 -2.60 27.08 -21.42
C ASP C 139 -3.69 27.80 -20.62
N THR C 140 -4.95 27.57 -20.97
CA THR C 140 -6.06 28.20 -20.25
C THR C 140 -6.41 27.40 -19.00
N GLY C 141 -5.84 26.20 -18.90
CA GLY C 141 -6.09 25.34 -17.76
C GLY C 141 -4.87 24.57 -17.34
N ALA C 142 -5.09 23.46 -16.62
CA ALA C 142 -4.02 22.61 -16.14
C ALA C 142 -3.38 21.84 -17.30
N ASP C 143 -2.21 21.26 -17.05
CA ASP C 143 -1.50 20.49 -18.07
C ASP C 143 -1.60 19.00 -17.81
N PHE C 144 -1.54 18.22 -18.89
CA PHE C 144 -1.53 16.76 -18.84
C PHE C 144 -0.08 16.44 -19.21
N ALA C 145 0.67 15.94 -18.24
CA ALA C 145 2.09 15.66 -18.42
C ALA C 145 2.52 14.75 -19.56
N ALA C 146 1.78 13.67 -19.78
CA ALA C 146 2.14 12.69 -20.80
C ALA C 146 1.87 13.02 -22.27
N ALA C 147 1.29 14.18 -22.55
CA ALA C 147 1.00 14.53 -23.93
C ALA C 147 0.88 16.03 -24.15
N PRO C 148 1.06 16.48 -25.40
CA PRO C 148 0.96 17.90 -25.74
C PRO C 148 -0.39 18.50 -25.36
N ASP C 149 -0.38 19.61 -24.63
CA ASP C 149 -1.64 20.26 -24.29
C ASP C 149 -1.99 21.18 -25.44
N ILE C 150 -3.26 21.16 -25.83
CA ILE C 150 -3.72 21.96 -26.96
C ILE C 150 -4.13 23.39 -26.61
N ASP C 151 -3.73 24.33 -27.46
CA ASP C 151 -4.04 25.74 -27.27
C ASP C 151 -5.44 26.07 -27.80
N HIS C 152 -6.43 26.00 -26.92
CA HIS C 152 -7.80 26.25 -27.33
C HIS C 152 -8.12 27.69 -27.69
N LEU C 153 -7.15 28.58 -27.49
CA LEU C 153 -7.34 29.98 -27.84
C LEU C 153 -7.01 30.18 -29.33
N ASN C 154 -6.45 29.15 -29.95
CA ASN C 154 -6.11 29.21 -31.38
C ASN C 154 -7.39 29.09 -32.20
N ASP C 155 -7.60 30.01 -33.13
CA ASP C 155 -8.82 30.00 -33.94
C ASP C 155 -9.04 28.72 -34.74
N ARG C 156 -7.97 28.21 -35.35
CA ARG C 156 -8.10 26.98 -36.15
C ARG C 156 -8.48 25.79 -35.27
N VAL C 157 -7.89 25.72 -34.08
CA VAL C 157 -8.21 24.63 -33.17
C VAL C 157 -9.71 24.61 -32.86
N GLN C 158 -10.25 25.76 -32.45
CA GLN C 158 -11.66 25.86 -32.13
C GLN C 158 -12.53 25.47 -33.31
N ARG C 159 -12.20 26.02 -34.49
CA ARG C 159 -12.96 25.74 -35.70
C ARG C 159 -12.96 24.27 -36.09
N GLU C 160 -11.77 23.67 -36.15
CA GLU C 160 -11.69 22.27 -36.55
C GLU C 160 -12.17 21.28 -35.50
N LEU C 161 -12.06 21.62 -34.23
CA LEU C 161 -12.54 20.72 -33.19
C LEU C 161 -14.07 20.73 -33.19
N LYS C 162 -14.67 21.89 -33.40
CA LYS C 162 -16.13 21.97 -33.44
C LYS C 162 -16.62 21.20 -34.67
N GLU C 163 -15.86 21.27 -35.76
CA GLU C 163 -16.21 20.56 -36.97
C GLU C 163 -16.19 19.06 -36.71
N TRP C 164 -15.15 18.61 -36.02
CA TRP C 164 -15.00 17.19 -35.69
C TRP C 164 -16.13 16.74 -34.78
N LEU C 165 -16.46 17.55 -33.77
CA LEU C 165 -17.54 17.23 -32.85
C LEU C 165 -18.89 17.12 -33.58
N LEU C 166 -19.14 18.05 -34.51
CA LEU C 166 -20.40 17.99 -35.26
C LEU C 166 -20.46 16.73 -36.10
N TRP C 167 -19.30 16.29 -36.57
CA TRP C 167 -19.18 15.08 -37.38
C TRP C 167 -19.48 13.85 -36.51
N LEU C 168 -19.05 13.88 -35.26
CA LEU C 168 -19.31 12.75 -34.37
C LEU C 168 -20.82 12.56 -34.27
N LYS C 169 -21.55 13.68 -34.28
CA LYS C 169 -23.00 13.65 -34.20
C LYS C 169 -23.66 13.21 -35.49
N SER C 170 -23.32 13.88 -36.59
CA SER C 170 -23.91 13.58 -37.89
C SER C 170 -23.51 12.24 -38.49
N ASP C 171 -22.24 11.87 -38.37
CA ASP C 171 -21.77 10.63 -38.97
C ASP C 171 -21.84 9.39 -38.09
N LEU C 172 -21.59 9.53 -36.80
CA LEU C 172 -21.63 8.39 -35.89
C LEU C 172 -22.96 8.30 -35.14
N GLY C 173 -23.58 9.45 -34.89
CA GLY C 173 -24.85 9.48 -34.21
C GLY C 173 -24.83 9.90 -32.75
N PHE C 174 -23.69 10.38 -32.25
CA PHE C 174 -23.62 10.79 -30.87
C PHE C 174 -24.60 11.93 -30.58
N ASP C 175 -25.15 11.96 -29.38
CA ASP C 175 -26.12 12.97 -28.97
C ASP C 175 -25.59 13.99 -27.97
N ALA C 176 -24.64 13.55 -27.16
CA ALA C 176 -24.11 14.41 -26.11
C ALA C 176 -22.64 14.15 -25.80
N TRP C 177 -22.06 14.97 -24.94
CA TRP C 177 -20.64 14.85 -24.59
C TRP C 177 -20.35 14.65 -23.10
N ARG C 178 -19.18 14.06 -22.84
CA ARG C 178 -18.66 13.90 -21.48
C ARG C 178 -17.28 14.53 -21.66
N LEU C 179 -17.05 15.68 -21.04
CA LEU C 179 -15.78 16.38 -21.20
C LEU C 179 -14.69 15.90 -20.25
N ASP C 180 -13.73 15.16 -20.83
CA ASP C 180 -12.60 14.62 -20.09
C ASP C 180 -11.65 15.71 -19.59
N PHE C 181 -11.17 15.54 -18.36
CA PHE C 181 -10.21 16.45 -17.74
C PHE C 181 -10.52 17.91 -18.06
N ALA C 182 -11.73 18.33 -17.70
CA ALA C 182 -12.19 19.69 -17.95
C ALA C 182 -11.36 20.75 -17.22
N ARG C 183 -10.60 20.35 -16.20
CA ARG C 183 -9.75 21.32 -15.50
C ARG C 183 -8.54 21.66 -16.38
N GLY C 184 -8.39 20.94 -17.48
CA GLY C 184 -7.28 21.17 -18.39
C GLY C 184 -7.42 22.45 -19.19
N TYR C 185 -8.65 22.98 -19.26
CA TYR C 185 -8.90 24.22 -19.97
C TYR C 185 -10.00 25.01 -19.26
N SER C 186 -10.07 26.30 -19.52
CA SER C 186 -11.05 27.15 -18.85
C SER C 186 -12.49 26.83 -19.20
N PRO C 187 -13.44 27.21 -18.32
CA PRO C 187 -14.84 26.95 -18.61
C PRO C 187 -15.25 27.78 -19.81
N GLU C 188 -14.54 28.89 -20.04
CA GLU C 188 -14.81 29.75 -21.17
C GLU C 188 -14.55 28.96 -22.45
N MET C 189 -13.50 28.15 -22.45
CA MET C 189 -13.18 27.34 -23.63
C MET C 189 -14.20 26.21 -23.77
N ALA C 190 -14.60 25.62 -22.64
CA ALA C 190 -15.59 24.56 -22.69
C ALA C 190 -16.88 25.13 -23.31
N LYS C 191 -17.20 26.38 -22.97
CA LYS C 191 -18.40 27.04 -23.49
C LYS C 191 -18.35 27.14 -25.00
N VAL C 192 -17.18 27.42 -25.54
CA VAL C 192 -17.01 27.53 -26.99
C VAL C 192 -17.48 26.24 -27.67
N TYR C 193 -17.07 25.10 -27.13
CA TYR C 193 -17.43 23.82 -27.71
C TYR C 193 -18.86 23.36 -27.42
N ILE C 194 -19.34 23.63 -26.21
CA ILE C 194 -20.71 23.25 -25.86
C ILE C 194 -21.70 24.05 -26.70
N ASP C 195 -21.59 25.37 -26.63
CA ASP C 195 -22.50 26.23 -27.39
C ASP C 195 -22.36 26.04 -28.91
N GLY C 196 -21.16 25.66 -29.35
CA GLY C 196 -20.93 25.49 -30.77
C GLY C 196 -21.35 24.15 -31.36
N THR C 197 -21.72 23.20 -30.52
CA THR C 197 -22.12 21.88 -31.03
C THR C 197 -23.51 21.39 -30.62
N SER C 198 -24.20 22.18 -29.80
CA SER C 198 -25.55 21.84 -29.36
C SER C 198 -25.80 20.40 -28.88
N PRO C 199 -25.03 19.93 -27.89
CA PRO C 199 -25.23 18.57 -27.38
C PRO C 199 -26.47 18.55 -26.50
N SER C 200 -27.13 17.40 -26.36
CA SER C 200 -28.31 17.34 -25.51
C SER C 200 -27.86 17.65 -24.09
N LEU C 201 -26.61 17.29 -23.80
CA LEU C 201 -26.01 17.57 -22.50
C LEU C 201 -24.50 17.44 -22.63
N ALA C 202 -23.78 18.08 -21.75
CA ALA C 202 -22.32 18.01 -21.76
C ALA C 202 -21.89 17.93 -20.30
N VAL C 203 -21.69 16.71 -19.83
CA VAL C 203 -21.27 16.51 -18.45
C VAL C 203 -19.76 16.56 -18.39
N ALA C 204 -19.24 17.52 -17.63
CA ALA C 204 -17.80 17.70 -17.53
C ALA C 204 -17.20 17.07 -16.30
N GLU C 205 -16.00 16.52 -16.48
CA GLU C 205 -15.26 15.91 -15.37
C GLU C 205 -14.40 17.03 -14.81
N VAL C 206 -14.93 17.73 -13.81
CA VAL C 206 -14.20 18.80 -13.15
C VAL C 206 -13.88 18.19 -11.80
N TRP C 207 -12.68 17.64 -11.69
CA TRP C 207 -12.25 16.96 -10.48
C TRP C 207 -11.18 17.69 -9.68
N ASP C 208 -11.60 18.33 -8.59
CA ASP C 208 -10.68 19.05 -7.71
C ASP C 208 -10.44 18.13 -6.51
N ASN C 209 -9.24 18.18 -5.95
CA ASN C 209 -8.90 17.35 -4.80
C ASN C 209 -9.74 17.73 -3.58
N MET C 210 -10.22 16.71 -2.86
CA MET C 210 -11.01 16.93 -1.65
C MET C 210 -10.05 16.71 -0.48
N ALA C 211 -9.62 17.79 0.14
CA ALA C 211 -8.69 17.70 1.26
C ALA C 211 -9.21 16.85 2.40
N THR C 212 -8.31 16.16 3.07
CA THR C 212 -8.66 15.31 4.21
C THR C 212 -8.01 15.95 5.44
N GLY C 213 -8.71 15.90 6.57
CA GLY C 213 -8.20 16.50 7.80
C GLY C 213 -7.30 15.64 8.68
N GLY C 214 -7.18 16.05 9.93
CA GLY C 214 -6.34 15.33 10.89
C GLY C 214 -6.80 13.93 11.18
N ASP C 215 -8.00 13.58 10.72
CA ASP C 215 -8.54 12.24 10.93
C ASP C 215 -8.45 11.43 9.64
N GLY C 216 -7.84 12.02 8.61
CA GLY C 216 -7.67 11.35 7.34
C GLY C 216 -8.95 11.24 6.53
N LYS C 217 -10.00 11.89 7.00
N LYS C 217 -10.00 11.89 7.00
CA LYS C 217 -11.28 11.88 6.32
CA LYS C 217 -11.28 11.88 6.32
C LYS C 217 -11.62 13.27 5.80
N PRO C 218 -12.52 13.36 4.82
CA PRO C 218 -12.88 14.68 4.28
C PRO C 218 -13.57 15.49 5.38
N ASN C 219 -13.47 16.81 5.32
CA ASN C 219 -14.11 17.64 6.33
C ASN C 219 -15.62 17.58 6.12
N TYR C 220 -16.38 17.74 7.20
CA TYR C 220 -17.84 17.72 7.12
C TYR C 220 -18.33 18.81 6.18
N ASP C 221 -17.66 19.96 6.22
CA ASP C 221 -18.00 21.10 5.39
C ASP C 221 -17.28 21.01 4.06
N GLN C 222 -18.02 20.73 2.98
CA GLN C 222 -17.41 20.64 1.67
C GLN C 222 -17.94 21.74 0.75
N ASP C 223 -18.41 22.82 1.35
CA ASP C 223 -18.96 23.94 0.59
C ASP C 223 -18.01 24.53 -0.45
N ALA C 224 -16.72 24.65 -0.09
CA ALA C 224 -15.74 25.20 -1.02
C ALA C 224 -15.58 24.31 -2.25
N HIS C 225 -15.71 23.00 -2.03
CA HIS C 225 -15.57 22.03 -3.12
C HIS C 225 -16.75 22.11 -4.07
N ARG C 226 -17.97 22.13 -3.55
CA ARG C 226 -19.12 22.21 -4.44
C ARG C 226 -19.26 23.63 -5.00
N GLN C 227 -18.73 24.63 -4.30
CA GLN C 227 -18.80 26.00 -4.80
C GLN C 227 -17.97 26.07 -6.08
N ASN C 228 -16.84 25.39 -6.11
CA ASN C 228 -15.99 25.36 -7.29
C ASN C 228 -16.77 24.79 -8.47
N LEU C 229 -17.54 23.73 -8.21
CA LEU C 229 -18.31 23.09 -9.26
C LEU C 229 -19.46 23.97 -9.75
N VAL C 230 -20.20 24.60 -8.85
CA VAL C 230 -21.28 25.46 -9.29
C VAL C 230 -20.71 26.66 -10.05
N ASN C 231 -19.52 27.12 -9.66
CA ASN C 231 -18.90 28.25 -10.34
C ASN C 231 -18.57 27.89 -11.79
N TRP C 232 -18.12 26.66 -12.02
CA TRP C 232 -17.79 26.21 -13.36
C TRP C 232 -19.06 26.21 -14.20
N VAL C 233 -20.14 25.70 -13.63
CA VAL C 233 -21.41 25.64 -14.34
C VAL C 233 -21.88 27.05 -14.70
N ASP C 234 -21.74 27.99 -13.77
CA ASP C 234 -22.15 29.36 -14.02
C ASP C 234 -21.32 29.96 -15.17
N LYS C 235 -20.02 29.69 -15.15
CA LYS C 235 -19.12 30.21 -16.18
C LYS C 235 -19.42 29.73 -17.60
N VAL C 236 -19.91 28.50 -17.74
CA VAL C 236 -20.21 27.98 -19.06
C VAL C 236 -21.57 28.47 -19.57
N GLY C 237 -22.38 29.03 -18.68
CA GLY C 237 -23.68 29.53 -19.10
C GLY C 237 -24.85 29.22 -18.17
N GLY C 238 -24.60 28.46 -17.11
CA GLY C 238 -25.65 28.11 -16.19
C GLY C 238 -26.82 27.38 -16.82
N ALA C 239 -28.04 27.78 -16.46
CA ALA C 239 -29.23 27.13 -16.98
C ALA C 239 -29.37 27.25 -18.51
N ALA C 240 -28.75 28.28 -19.07
CA ALA C 240 -28.81 28.51 -20.51
C ALA C 240 -27.85 27.60 -21.28
N SER C 241 -27.01 26.87 -20.54
CA SER C 241 -26.05 25.97 -21.16
C SER C 241 -26.44 24.52 -20.98
N ALA C 242 -25.97 23.67 -21.89
CA ALA C 242 -26.24 22.24 -21.83
C ALA C 242 -25.21 21.61 -20.89
N GLY C 243 -24.26 22.41 -20.45
CA GLY C 243 -23.21 21.92 -19.57
C GLY C 243 -23.66 21.60 -18.15
N MET C 244 -23.04 20.57 -17.57
CA MET C 244 -23.30 20.13 -16.21
C MET C 244 -22.01 19.47 -15.71
N VAL C 245 -21.98 19.06 -14.44
CA VAL C 245 -20.78 18.44 -13.89
C VAL C 245 -21.04 17.17 -13.09
N PHE C 246 -20.02 16.32 -13.00
CA PHE C 246 -20.12 15.12 -12.19
C PHE C 246 -20.02 15.60 -10.75
N ASP C 247 -20.87 15.05 -9.87
CA ASP C 247 -20.89 15.46 -8.48
C ASP C 247 -19.81 14.76 -7.67
N PHE C 248 -18.58 15.21 -7.83
CA PHE C 248 -17.47 14.63 -7.09
C PHE C 248 -17.57 14.95 -5.60
N THR C 249 -18.28 16.03 -5.27
CA THR C 249 -18.45 16.40 -3.87
C THR C 249 -19.26 15.30 -3.18
N THR C 250 -20.37 14.90 -3.78
CA THR C 250 -21.21 13.84 -3.23
C THR C 250 -20.47 12.50 -3.20
N LYS C 251 -19.64 12.25 -4.21
CA LYS C 251 -18.87 11.01 -4.27
C LYS C 251 -17.92 10.91 -3.08
N GLY C 252 -17.19 11.99 -2.81
CA GLY C 252 -16.26 11.99 -1.71
C GLY C 252 -16.93 11.85 -0.36
N ILE C 253 -18.03 12.57 -0.17
CA ILE C 253 -18.76 12.52 1.09
C ILE C 253 -19.39 11.15 1.30
N LEU C 254 -20.07 10.64 0.28
CA LEU C 254 -20.71 9.34 0.39
C LEU C 254 -19.70 8.22 0.66
N ASN C 255 -18.51 8.32 0.06
CA ASN C 255 -17.44 7.33 0.27
C ASN C 255 -17.16 7.21 1.76
N ALA C 256 -17.12 8.35 2.44
CA ALA C 256 -16.85 8.39 3.86
C ALA C 256 -18.09 8.17 4.73
N ALA C 257 -19.23 8.64 4.26
CA ALA C 257 -20.48 8.54 5.01
C ALA C 257 -20.93 7.11 5.30
N VAL C 258 -20.83 6.21 4.33
CA VAL C 258 -21.27 4.84 4.54
C VAL C 258 -20.44 4.05 5.55
N GLU C 259 -19.29 4.61 5.93
CA GLU C 259 -18.43 3.93 6.91
C GLU C 259 -18.79 4.34 8.34
N GLY C 260 -20.08 4.23 8.68
CA GLY C 260 -20.53 4.58 10.01
C GLY C 260 -20.64 6.07 10.33
N GLU C 261 -20.71 6.90 9.30
CA GLU C 261 -20.81 8.34 9.51
C GLU C 261 -21.85 8.98 8.58
N LEU C 262 -23.04 8.39 8.55
CA LEU C 262 -24.13 8.87 7.71
C LEU C 262 -24.63 10.25 8.11
N TRP C 263 -24.16 10.76 9.25
CA TRP C 263 -24.55 12.11 9.68
C TRP C 263 -23.95 13.12 8.73
N ARG C 264 -23.02 12.68 7.88
CA ARG C 264 -22.38 13.55 6.92
C ARG C 264 -23.30 13.93 5.77
N LEU C 265 -24.40 13.19 5.62
CA LEU C 265 -25.32 13.41 4.51
C LEU C 265 -26.34 14.54 4.61
N ILE C 266 -26.08 15.50 5.49
CA ILE C 266 -26.96 16.65 5.63
C ILE C 266 -26.10 17.84 6.07
N ASP C 267 -26.27 18.98 5.39
CA ASP C 267 -25.52 20.17 5.76
C ASP C 267 -26.28 20.97 6.81
N PRO C 268 -25.69 22.06 7.33
CA PRO C 268 -26.39 22.85 8.35
C PRO C 268 -27.74 23.45 7.94
N GLN C 269 -28.02 23.50 6.64
CA GLN C 269 -29.28 24.04 6.16
C GLN C 269 -30.32 22.96 5.89
N GLY C 270 -29.94 21.71 6.13
CA GLY C 270 -30.86 20.60 5.92
C GLY C 270 -30.89 20.10 4.48
N LYS C 271 -29.87 20.45 3.71
CA LYS C 271 -29.79 20.04 2.31
C LYS C 271 -28.72 18.98 2.12
N ALA C 272 -28.74 18.29 0.98
CA ALA C 272 -27.72 17.29 0.68
C ALA C 272 -26.43 18.11 0.68
N PRO C 273 -25.31 17.54 1.19
CA PRO C 273 -24.03 18.24 1.25
C PRO C 273 -23.20 18.40 -0.03
N GLY C 274 -23.56 17.68 -1.09
CA GLY C 274 -22.80 17.78 -2.34
C GLY C 274 -23.44 18.76 -3.31
N VAL C 275 -23.05 18.72 -4.58
CA VAL C 275 -23.64 19.65 -5.54
C VAL C 275 -25.15 19.40 -5.62
N MET C 276 -25.55 18.16 -5.34
CA MET C 276 -26.95 17.75 -5.33
C MET C 276 -27.81 18.69 -4.48
N GLY C 277 -27.24 19.22 -3.41
CA GLY C 277 -27.98 20.10 -2.52
C GLY C 277 -28.11 21.55 -2.95
N TRP C 278 -27.28 21.96 -3.91
CA TRP C 278 -27.32 23.35 -4.37
C TRP C 278 -27.86 23.53 -5.79
N TRP C 279 -27.42 22.68 -6.70
CA TRP C 279 -27.87 22.78 -8.09
C TRP C 279 -28.05 21.36 -8.64
N PRO C 280 -29.05 20.64 -8.11
CA PRO C 280 -29.32 19.27 -8.55
C PRO C 280 -29.53 19.07 -10.06
N ALA C 281 -30.13 20.04 -10.72
CA ALA C 281 -30.38 19.93 -12.16
C ALA C 281 -29.08 19.86 -12.96
N LYS C 282 -27.97 20.23 -12.31
CA LYS C 282 -26.66 20.25 -12.97
C LYS C 282 -25.66 19.27 -12.36
N ALA C 283 -26.13 18.38 -11.49
CA ALA C 283 -25.25 17.43 -10.85
C ALA C 283 -25.48 15.97 -11.24
N VAL C 284 -24.46 15.34 -11.81
CA VAL C 284 -24.55 13.94 -12.19
C VAL C 284 -23.87 13.14 -11.09
N THR C 285 -24.67 12.40 -10.32
CA THR C 285 -24.16 11.60 -9.22
C THR C 285 -23.71 10.23 -9.69
N PHE C 286 -22.80 9.62 -8.94
CA PHE C 286 -22.28 8.30 -9.26
C PHE C 286 -21.67 7.62 -8.04
N VAL C 287 -21.55 6.29 -8.11
CA VAL C 287 -20.97 5.50 -7.03
C VAL C 287 -19.48 5.27 -7.34
N ASP C 288 -19.17 5.00 -8.61
CA ASP C 288 -17.80 4.81 -9.07
C ASP C 288 -17.75 4.92 -10.59
N ASN C 289 -16.57 5.26 -11.12
CA ASN C 289 -16.39 5.32 -12.56
C ASN C 289 -15.09 4.56 -12.89
N HIS C 290 -14.63 4.65 -14.13
CA HIS C 290 -13.43 3.93 -14.54
C HIS C 290 -12.15 4.37 -13.83
N ASP C 291 -12.18 5.56 -13.23
CA ASP C 291 -11.01 6.10 -12.53
C ASP C 291 -11.06 5.77 -11.04
N THR C 292 -12.17 6.12 -10.39
CA THR C 292 -12.33 5.87 -8.96
C THR C 292 -12.45 4.39 -8.62
N GLY C 293 -13.06 3.63 -9.53
CA GLY C 293 -13.22 2.20 -9.30
C GLY C 293 -12.52 1.39 -10.36
N SER C 294 -13.17 0.33 -10.84
CA SER C 294 -12.59 -0.53 -11.86
C SER C 294 -11.19 -0.97 -11.43
N THR C 295 -10.28 -1.11 -12.38
CA THR C 295 -8.93 -1.54 -12.04
C THR C 295 -7.96 -0.44 -11.64
N GLN C 296 -8.37 0.83 -11.77
CA GLN C 296 -7.50 1.93 -11.38
C GLN C 296 -7.68 2.19 -9.89
N ALA C 297 -8.92 2.06 -9.43
CA ALA C 297 -9.27 2.24 -8.01
C ALA C 297 -8.62 3.44 -7.33
N MET C 298 -8.80 4.62 -7.91
CA MET C 298 -8.22 5.84 -7.34
C MET C 298 -8.99 6.34 -6.11
N TRP C 299 -10.26 5.98 -5.99
CA TRP C 299 -11.10 6.46 -4.89
C TRP C 299 -12.36 5.57 -4.84
N PRO C 300 -12.17 4.25 -4.75
CA PRO C 300 -13.26 3.28 -4.71
C PRO C 300 -14.29 3.37 -3.59
N PHE C 301 -15.53 3.08 -3.94
CA PHE C 301 -16.63 3.09 -2.98
C PHE C 301 -16.43 1.83 -2.14
N PRO C 302 -16.69 1.90 -0.83
CA PRO C 302 -16.52 0.69 0.00
C PRO C 302 -17.22 -0.47 -0.69
N SER C 303 -16.45 -1.48 -1.07
CA SER C 303 -16.97 -2.61 -1.83
C SER C 303 -18.13 -3.40 -1.23
N ASP C 304 -18.22 -3.46 0.08
CA ASP C 304 -19.30 -4.21 0.72
C ASP C 304 -20.56 -3.37 0.91
N LYS C 305 -20.56 -2.15 0.38
CA LYS C 305 -21.70 -1.26 0.56
C LYS C 305 -22.18 -0.58 -0.73
N VAL C 306 -21.79 -1.14 -1.87
CA VAL C 306 -22.17 -0.57 -3.15
C VAL C 306 -23.68 -0.34 -3.30
N MET C 307 -24.49 -1.28 -2.86
CA MET C 307 -25.94 -1.09 -3.00
C MET C 307 -26.48 0.07 -2.18
N GLN C 308 -25.78 0.48 -1.13
CA GLN C 308 -26.25 1.61 -0.34
C GLN C 308 -26.01 2.85 -1.19
N GLY C 309 -24.92 2.83 -1.96
CA GLY C 309 -24.62 3.96 -2.82
C GLY C 309 -25.70 4.14 -3.87
N TYR C 310 -26.19 3.03 -4.42
CA TYR C 310 -27.24 3.11 -5.42
C TYR C 310 -28.60 3.43 -4.81
N ALA C 311 -28.87 2.93 -3.60
CA ALA C 311 -30.14 3.23 -2.96
C ALA C 311 -30.20 4.74 -2.82
N TYR C 312 -29.05 5.36 -2.52
CA TYR C 312 -28.95 6.80 -2.34
C TYR C 312 -29.12 7.56 -3.66
N ILE C 313 -28.19 7.39 -4.61
CA ILE C 313 -28.30 8.16 -5.84
C ILE C 313 -29.50 7.88 -6.74
N LEU C 314 -30.00 6.65 -6.75
CA LEU C 314 -31.13 6.34 -7.63
C LEU C 314 -32.48 6.85 -7.12
N THR C 315 -32.56 7.24 -5.85
CA THR C 315 -33.81 7.74 -5.27
C THR C 315 -33.77 9.25 -5.05
N HIS C 316 -32.57 9.81 -5.09
CA HIS C 316 -32.36 11.24 -4.83
C HIS C 316 -32.31 12.19 -6.01
N PRO C 317 -32.40 13.51 -5.73
CA PRO C 317 -32.34 14.48 -6.81
C PRO C 317 -30.96 14.41 -7.45
N GLY C 318 -30.74 15.17 -8.51
CA GLY C 318 -29.49 15.08 -9.22
C GLY C 318 -29.74 14.04 -10.28
N ILE C 319 -28.81 13.84 -11.21
CA ILE C 319 -28.97 12.85 -12.27
C ILE C 319 -28.04 11.68 -11.98
N PRO C 320 -28.59 10.51 -11.63
CA PRO C 320 -27.73 9.37 -11.34
C PRO C 320 -27.10 8.68 -12.56
N CYS C 321 -25.87 8.22 -12.37
CA CYS C 321 -25.14 7.52 -13.42
C CYS C 321 -24.71 6.15 -12.88
N ILE C 322 -25.21 5.09 -13.52
CA ILE C 322 -24.91 3.72 -13.12
C ILE C 322 -23.63 3.24 -13.80
N PHE C 323 -22.74 2.59 -13.04
CA PHE C 323 -21.49 2.09 -13.59
C PHE C 323 -21.69 0.67 -14.14
N TYR C 324 -21.22 0.43 -15.36
CA TYR C 324 -21.37 -0.85 -16.02
C TYR C 324 -21.14 -2.07 -15.13
N ASP C 325 -19.98 -2.13 -14.49
CA ASP C 325 -19.61 -3.25 -13.62
C ASP C 325 -20.67 -3.59 -12.58
N HIS C 326 -21.12 -2.56 -11.87
CA HIS C 326 -22.12 -2.75 -10.83
C HIS C 326 -23.41 -3.34 -11.35
N PHE C 327 -23.81 -2.95 -12.55
CA PHE C 327 -25.04 -3.46 -13.13
C PHE C 327 -24.94 -4.89 -13.65
N PHE C 328 -23.86 -5.19 -14.36
CA PHE C 328 -23.70 -6.51 -14.97
C PHE C 328 -22.75 -7.54 -14.35
N ASN C 329 -21.74 -7.08 -13.62
CA ASN C 329 -20.73 -7.98 -13.06
C ASN C 329 -20.67 -8.18 -11.54
N TRP C 330 -21.57 -7.57 -10.78
CA TRP C 330 -21.54 -7.71 -9.32
C TRP C 330 -22.72 -8.46 -8.71
N GLY C 331 -23.58 -9.02 -9.56
CA GLY C 331 -24.74 -9.75 -9.07
C GLY C 331 -25.81 -8.83 -8.51
N PHE C 332 -25.81 -7.57 -8.95
CA PHE C 332 -26.80 -6.59 -8.49
C PHE C 332 -27.75 -6.10 -9.59
N LYS C 333 -27.75 -6.76 -10.75
CA LYS C 333 -28.60 -6.29 -11.83
C LYS C 333 -30.07 -6.09 -11.46
N ASP C 334 -30.71 -7.12 -10.91
CA ASP C 334 -32.11 -6.99 -10.55
C ASP C 334 -32.36 -5.93 -9.48
N GLN C 335 -31.49 -5.84 -8.48
CA GLN C 335 -31.67 -4.85 -7.42
C GLN C 335 -31.55 -3.42 -7.93
N ILE C 336 -30.59 -3.19 -8.82
CA ILE C 336 -30.41 -1.85 -9.38
C ILE C 336 -31.56 -1.50 -10.32
N ALA C 337 -32.00 -2.47 -11.13
CA ALA C 337 -33.11 -2.24 -12.05
C ALA C 337 -34.37 -1.89 -11.25
N ALA C 338 -34.57 -2.55 -10.12
CA ALA C 338 -35.73 -2.29 -9.28
C ALA C 338 -35.73 -0.85 -8.77
N LEU C 339 -34.55 -0.34 -8.46
CA LEU C 339 -34.42 1.04 -7.96
C LEU C 339 -34.75 2.06 -9.05
N VAL C 340 -34.28 1.81 -10.27
CA VAL C 340 -34.57 2.73 -11.37
C VAL C 340 -36.08 2.72 -11.64
N ALA C 341 -36.70 1.55 -11.55
CA ALA C 341 -38.14 1.43 -11.78
C ALA C 341 -38.91 2.27 -10.76
N ILE C 342 -38.42 2.28 -9.52
CA ILE C 342 -39.05 3.06 -8.46
C ILE C 342 -38.92 4.55 -8.79
N ARG C 343 -37.74 4.94 -9.26
CA ARG C 343 -37.49 6.33 -9.62
C ARG C 343 -38.42 6.76 -10.76
N LYS C 344 -38.53 5.91 -11.77
CA LYS C 344 -39.38 6.21 -12.93
C LYS C 344 -40.87 6.22 -12.61
N ARG C 345 -41.32 5.19 -11.91
CA ARG C 345 -42.72 5.03 -11.54
C ARG C 345 -43.25 6.17 -10.66
N ASN C 346 -42.36 6.77 -9.88
CA ASN C 346 -42.75 7.86 -8.99
C ASN C 346 -42.48 9.26 -9.53
N GLY C 347 -42.06 9.33 -10.79
CA GLY C 347 -41.78 10.62 -11.40
C GLY C 347 -40.64 11.42 -10.77
N ILE C 348 -39.68 10.71 -10.19
N ILE C 348 -39.68 10.71 -10.19
CA ILE C 348 -38.54 11.36 -9.57
CA ILE C 348 -38.54 11.36 -9.57
C ILE C 348 -37.61 11.90 -10.66
C ILE C 348 -37.61 11.90 -10.66
N THR C 349 -37.16 13.14 -10.49
CA THR C 349 -36.27 13.77 -11.47
C THR C 349 -35.15 14.50 -10.74
N ALA C 350 -34.24 15.10 -11.52
CA ALA C 350 -33.11 15.80 -10.94
C ALA C 350 -33.50 16.89 -9.95
N THR C 351 -34.66 17.51 -10.15
CA THR C 351 -35.09 18.58 -9.25
C THR C 351 -36.11 18.19 -8.19
N SER C 352 -36.30 16.88 -7.98
CA SER C 352 -37.24 16.41 -6.95
C SER C 352 -36.87 16.97 -5.59
N ALA C 353 -37.88 17.18 -4.74
CA ALA C 353 -37.67 17.71 -3.40
C ALA C 353 -37.14 16.65 -2.46
N LEU C 354 -36.19 17.04 -1.62
CA LEU C 354 -35.59 16.12 -0.66
C LEU C 354 -35.81 16.57 0.77
N LYS C 355 -36.39 15.68 1.58
CA LYS C 355 -36.65 15.95 2.99
C LYS C 355 -35.96 14.84 3.79
N ILE C 356 -34.91 15.21 4.51
CA ILE C 356 -34.16 14.24 5.31
C ILE C 356 -34.81 14.04 6.67
N LEU C 357 -35.17 12.80 6.96
CA LEU C 357 -35.86 12.44 8.20
C LEU C 357 -34.97 11.92 9.33
N MET C 358 -33.82 11.36 8.97
CA MET C 358 -32.91 10.83 9.97
C MET C 358 -31.49 10.87 9.42
N HIS C 359 -30.54 11.30 10.25
CA HIS C 359 -29.16 11.37 9.80
C HIS C 359 -28.17 11.06 10.91
N GLU C 360 -28.26 9.83 11.43
CA GLU C 360 -27.36 9.39 12.47
C GLU C 360 -26.24 8.57 11.83
N GLY C 361 -25.19 8.30 12.59
CA GLY C 361 -24.06 7.56 12.05
C GLY C 361 -24.40 6.24 11.38
N ASP C 362 -25.34 5.50 11.96
CA ASP C 362 -25.72 4.20 11.43
C ASP C 362 -27.04 4.16 10.66
N ALA C 363 -27.65 5.32 10.41
CA ALA C 363 -28.90 5.34 9.68
C ALA C 363 -29.27 6.68 9.07
N TYR C 364 -29.46 6.69 7.76
CA TYR C 364 -29.87 7.88 7.00
C TYR C 364 -31.21 7.53 6.40
N VAL C 365 -32.20 8.39 6.58
CA VAL C 365 -33.52 8.17 6.02
C VAL C 365 -34.01 9.46 5.38
N ALA C 366 -34.53 9.36 4.16
CA ALA C 366 -34.99 10.54 3.45
C ALA C 366 -36.28 10.28 2.67
N GLU C 367 -37.01 11.37 2.42
CA GLU C 367 -38.28 11.31 1.69
C GLU C 367 -38.13 12.19 0.46
N ILE C 368 -38.50 11.65 -0.70
CA ILE C 368 -38.38 12.39 -1.96
C ILE C 368 -39.75 12.62 -2.58
N ASP C 369 -40.05 13.88 -2.88
CA ASP C 369 -41.33 14.29 -3.47
C ASP C 369 -42.54 13.75 -2.69
N GLY C 370 -42.34 13.42 -1.42
CA GLY C 370 -43.42 12.90 -0.61
C GLY C 370 -44.02 11.60 -1.13
N LYS C 371 -43.28 10.90 -1.99
CA LYS C 371 -43.78 9.66 -2.58
C LYS C 371 -42.85 8.46 -2.38
N VAL C 372 -41.60 8.72 -2.06
CA VAL C 372 -40.64 7.65 -1.85
C VAL C 372 -39.79 7.91 -0.62
N VAL C 373 -39.58 6.87 0.18
CA VAL C 373 -38.74 7.01 1.37
C VAL C 373 -37.60 6.01 1.20
N VAL C 374 -36.38 6.43 1.54
CA VAL C 374 -35.25 5.54 1.42
C VAL C 374 -34.42 5.53 2.70
N LYS C 375 -33.81 4.39 2.99
CA LYS C 375 -32.97 4.25 4.18
C LYS C 375 -31.73 3.44 3.86
N ILE C 376 -30.59 3.87 4.38
CA ILE C 376 -29.34 3.13 4.22
C ILE C 376 -28.65 3.13 5.58
N GLY C 377 -27.85 2.11 5.85
CA GLY C 377 -27.15 2.04 7.12
C GLY C 377 -27.29 0.70 7.81
N PRO C 378 -26.37 0.39 8.75
CA PRO C 378 -26.37 -0.87 9.50
C PRO C 378 -27.44 -1.02 10.57
N ARG C 379 -28.00 0.09 11.06
CA ARG C 379 -29.05 0.00 12.08
C ARG C 379 -30.27 -0.57 11.40
N TYR C 380 -30.75 -1.72 11.88
CA TYR C 380 -31.89 -2.35 11.26
C TYR C 380 -33.22 -1.63 11.45
N ASP C 381 -33.55 -1.33 12.71
CA ASP C 381 -34.81 -0.69 13.06
C ASP C 381 -34.92 0.83 12.94
N VAL C 382 -35.76 1.29 12.03
CA VAL C 382 -36.03 2.72 11.83
C VAL C 382 -37.53 2.86 11.54
N GLY C 383 -38.26 1.77 11.77
CA GLY C 383 -39.69 1.76 11.50
C GLY C 383 -40.52 2.94 11.97
N ALA C 384 -40.28 3.38 13.21
CA ALA C 384 -41.05 4.50 13.76
C ALA C 384 -40.83 5.84 13.07
N VAL C 385 -39.76 5.96 12.28
CA VAL C 385 -39.49 7.23 11.59
C VAL C 385 -40.15 7.28 10.22
N ILE C 386 -40.59 6.14 9.72
CA ILE C 386 -41.23 6.09 8.41
C ILE C 386 -42.62 6.73 8.48
N PRO C 387 -42.90 7.70 7.59
CA PRO C 387 -44.20 8.39 7.58
C PRO C 387 -45.36 7.42 7.32
N ALA C 388 -46.55 7.81 7.76
CA ALA C 388 -47.74 6.99 7.57
C ALA C 388 -48.07 6.82 6.09
N GLY C 389 -48.63 5.66 5.74
CA GLY C 389 -49.00 5.42 4.36
C GLY C 389 -47.95 4.78 3.48
N PHE C 390 -46.76 4.53 4.03
CA PHE C 390 -45.69 3.92 3.24
C PHE C 390 -45.49 2.44 3.56
N VAL C 391 -45.16 1.66 2.52
CA VAL C 391 -44.92 0.24 2.66
C VAL C 391 -43.63 -0.11 1.90
N THR C 392 -42.85 -1.04 2.44
CA THR C 392 -41.60 -1.43 1.81
C THR C 392 -41.80 -1.92 0.37
N SER C 393 -40.97 -1.43 -0.53
CA SER C 393 -41.04 -1.77 -1.94
C SER C 393 -39.84 -2.60 -2.39
N ALA C 394 -38.67 -2.24 -1.88
CA ALA C 394 -37.44 -2.93 -2.22
C ALA C 394 -36.49 -2.86 -1.04
N HIS C 395 -35.66 -3.86 -0.90
CA HIS C 395 -34.70 -3.88 0.20
C HIS C 395 -33.57 -4.84 -0.08
N GLY C 396 -32.47 -4.64 0.64
CA GLY C 396 -31.31 -5.48 0.48
C GLY C 396 -30.37 -5.23 1.64
N ASN C 397 -29.09 -5.56 1.45
CA ASN C 397 -28.11 -5.37 2.52
C ASN C 397 -27.95 -3.91 2.93
N ASP C 398 -28.45 -3.59 4.12
CA ASP C 398 -28.37 -2.26 4.69
C ASP C 398 -29.07 -1.14 3.93
N TYR C 399 -30.15 -1.46 3.23
CA TYR C 399 -30.93 -0.45 2.52
C TYR C 399 -32.36 -0.93 2.33
N ALA C 400 -33.29 0.02 2.25
CA ALA C 400 -34.70 -0.28 2.04
C ALA C 400 -35.36 0.94 1.41
N VAL C 401 -36.39 0.71 0.61
CA VAL C 401 -37.11 1.78 -0.05
C VAL C 401 -38.60 1.54 0.13
N TRP C 402 -39.34 2.61 0.43
CA TRP C 402 -40.79 2.52 0.61
C TRP C 402 -41.50 3.37 -0.43
N GLU C 403 -42.72 2.99 -0.78
CA GLU C 403 -43.53 3.75 -1.72
C GLU C 403 -44.86 4.05 -1.03
N LYS C 404 -45.47 5.19 -1.36
CA LYS C 404 -46.72 5.60 -0.74
C LYS C 404 -47.97 5.26 -1.55
#